data_9CCI
#
_entry.id   9CCI
#
_cell.length_a   1.00
_cell.length_b   1.00
_cell.length_c   1.00
_cell.angle_alpha   90.00
_cell.angle_beta   90.00
_cell.angle_gamma   90.00
#
_symmetry.space_group_name_H-M   'P 1'
#
loop_
_entity.id
_entity.type
_entity.pdbx_description
1 polymer 'M39 Fab heavy chain'
2 polymer 'Spike glycoprotein'
3 polymer 'M39 Fab light chain'
4 non-polymer 2-acetamido-2-deoxy-beta-D-glucopyranose
#
loop_
_entity_poly.entity_id
_entity_poly.type
_entity_poly.pdbx_seq_one_letter_code
_entity_poly.pdbx_strand_id
1 'polypeptide(L)'
;EVQLVQSGAEVKKPGESLKISCQGSGYSFSSFWIGWVRQMPGKGLEWMGIIYGGDSDTRYSPSFQGQVSISADKSLSTAY
LQWSSLKPSDTAMYYCARTFGTYYDNTEDWFFDFWGHGTLVTVSSASTKGPSVFPLAPSSKSTSGGTAALGCLVKDYFPE
PVTVSWNSGALTSGVHTFPAVLQSSGLYSLSSVVTVPSSSLGTQTYICNVNHKPSNTKVDKKVEPKSC
;
B
2 'polypeptide(L)'
;MFVFLVLLPLVSSQCVNLITRTQSYTNSFTRGVYYPDKVFRSSVLHSTQDLFLPFFSNVTWFHAIHVSGTNGTKRFDNPA
LPFNDGVYFASTEKSNIIRGWIFGTTLDSKTQSLLIVNNATNVVIKVCEFQFCNDPFLDVYQKNNKSWMESEFRVYSSAN
NCTFEYVSQPFLMDLEGKEGNFKNLREFVFKNIDGYFKIYSKHTPINLERDLPQGFSALEPLVDLPIGINITRFQTLLAL
HRSYLTPVDSSSGWTAGAAAYYVGYLQPRTFLLKYNENGTITDAVDCALDPLSETKCTLKSFIVEKGIYQTSNFRVQPTE
SIVRFPNITNLCPFHEVFNATTFASVYAWNRKRISNCVADYSVIYNFAPFFAFKCYGVSPTKLNDLCFTNVYADSFVIRG
NEVSQIAPGQTGNIADYNYKLPDDFTGCVIAWNSNKLDSKPSGNYNYLYRFLRKSKLKPFERDISTEIYQVGNKPCNGVA
GPNCYSPLQSYGFRPTYGVGHQPYRVVVLSFELLHAPATVCGPKKSTNLVKNKCVNFNFNGLTGTGVLTESNKKFLPFQQ
FGRDIADTTDAVRDPQTLEILDITPCSFGGVSVITPGTNTSNQVAVLYQGVNCTEVPVAIHADQLTPTWRVYSTGSNVFQ
TRAGCLIGAEYVNNSYECDIPIGAGICASYQTQTKSHGSASSVASQSIIAYTMSLGAENSVAYSNNSIAIPTNFTISVTT
EILPVSMTKTSVDCTMYICGDSTECSNLLLQYGSFCTQLKRALTGIAVEQDKNTQEVFAQVKQIYKTPPIKYFGGFNFSQ
ILPDPSKPSKRSPIEDLLFNKVTLADAGFIKQYGDCLGDIAARDLICAQKFNGLTVLPPLLTDEMIAQYTSALLAGTITS
GWTFGAGPALQIPFPMQMAYRFNGIGVTQNVLYENQKLIANQFNSAIGKIQDSLSSTPSALGKLQDVVNHNAQALNTLVK
QLSSKFGAISSVLNDILSRLDPPEAEVQIDRLITGRLQSLQTYVTQQLIRAAEIRASANLAATKMSECVLGQSKRVDFCG
KGYHLMSFPQSAPHGVVFLHVTYVPAQEKNFTTAPAICHDGKAHFPREGVFVSNGTHWFVTQRNFYEPQIITTDNTFVSG
NCDVVIGIVNNTVYDPLQPELDSFKEELDKYFKNHTSPDVDLGDISGINASVVNIQKEIDRLNEVAKNLNESLIDLQELG
KYEQGSGYIPEAPRDGQAYVRKDGEWVLLSTFLGRSLEVLFQ
;
A
3 'polypeptide(L)'
;DIQMTQSPSTLSASVGDRVTITCRASQRIGSWVAWYQQRPGKAPKFLIYNPSTLESGVPSRFSASGSGTEFTLTISSLQP
DDFATYYCQQYDAFGQGTKLEIKRTVAAPSVFIFPPSDEQLKSGTASVVCLLNNFYPREAKVQWKVDNALQSGNSQESVT
EQDSKDSTYSLSSTLTLSKADYEKHKVYACEVTHQGLSSPVTKSFNRGE
;
C
#
# COMPACT_ATOMS: atom_id res chain seq x y z
N GLU A 1 -1.02 15.49 11.79
CA GLU A 1 -0.96 14.06 11.49
C GLU A 1 -1.50 13.78 10.09
N VAL A 2 -0.75 12.99 9.33
CA VAL A 2 -1.15 12.62 7.98
C VAL A 2 -2.19 11.50 8.08
N GLN A 3 -3.37 11.73 7.51
CA GLN A 3 -4.47 10.78 7.57
C GLN A 3 -5.04 10.54 6.18
N LEU A 4 -5.39 9.30 5.90
CA LEU A 4 -6.06 8.91 4.67
C LEU A 4 -7.36 8.21 5.03
N VAL A 5 -8.48 8.71 4.51
CA VAL A 5 -9.80 8.20 4.82
C VAL A 5 -10.41 7.65 3.54
N GLN A 6 -10.79 6.39 3.55
CA GLN A 6 -11.38 5.76 2.38
C GLN A 6 -12.89 5.65 2.53
N SER A 7 -13.52 5.21 1.45
CA SER A 7 -14.96 5.00 1.42
C SER A 7 -15.32 3.67 2.08
N GLY A 8 -16.62 3.41 2.20
CA GLY A 8 -17.10 2.24 2.90
C GLY A 8 -16.99 0.97 2.09
N ALA A 9 -17.45 -0.11 2.71
CA ALA A 9 -17.45 -1.42 2.06
C ALA A 9 -18.52 -1.50 0.98
N GLU A 10 -18.21 -2.22 -0.09
CA GLU A 10 -19.07 -2.31 -1.26
C GLU A 10 -19.41 -3.76 -1.55
N VAL A 11 -20.70 -4.03 -1.75
CA VAL A 11 -21.20 -5.30 -2.26
C VAL A 11 -21.82 -5.00 -3.62
N LYS A 12 -21.30 -5.62 -4.67
CA LYS A 12 -21.75 -5.33 -6.02
C LYS A 12 -22.11 -6.60 -6.78
N LYS A 13 -23.02 -6.45 -7.73
CA LYS A 13 -23.29 -7.45 -8.74
C LYS A 13 -22.20 -7.40 -9.81
N PRO A 14 -21.91 -8.52 -10.48
CA PRO A 14 -20.92 -8.49 -11.56
C PRO A 14 -21.46 -7.80 -12.81
N GLY A 15 -20.61 -6.97 -13.40
CA GLY A 15 -20.99 -6.15 -14.53
C GLY A 15 -21.27 -4.70 -14.16
N GLU A 16 -21.36 -4.38 -12.88
CA GLU A 16 -21.61 -3.02 -12.45
C GLU A 16 -20.31 -2.24 -12.39
N SER A 17 -20.44 -0.93 -12.14
CA SER A 17 -19.30 -0.02 -12.10
C SER A 17 -19.12 0.50 -10.68
N LEU A 18 -17.88 0.77 -10.31
CA LEU A 18 -17.53 1.19 -8.96
C LEU A 18 -16.41 2.21 -8.99
N LYS A 19 -16.56 3.25 -8.18
CA LYS A 19 -15.52 4.24 -7.95
C LYS A 19 -15.29 4.37 -6.45
N ILE A 20 -14.02 4.33 -6.04
CA ILE A 20 -13.61 4.34 -4.64
C ILE A 20 -12.73 5.55 -4.40
N SER A 21 -13.08 6.34 -3.38
CA SER A 21 -12.35 7.55 -3.01
C SER A 21 -11.35 7.31 -1.89
N CYS A 22 -10.34 8.17 -1.86
CA CYS A 22 -9.31 8.24 -0.83
C CYS A 22 -9.03 9.71 -0.57
N GLN A 23 -9.41 10.20 0.60
CA GLN A 23 -9.28 11.61 0.96
C GLN A 23 -8.11 11.78 1.93
N GLY A 24 -7.19 12.67 1.58
CA GLY A 24 -5.98 12.90 2.37
C GLY A 24 -6.07 14.19 3.16
N SER A 25 -5.52 14.17 4.36
CA SER A 25 -5.51 15.34 5.24
C SER A 25 -4.22 15.37 6.03
N GLY A 26 -3.85 16.57 6.45
CA GLY A 26 -2.63 16.77 7.22
C GLY A 26 -1.36 16.93 6.42
N TYR A 27 -1.47 17.03 5.10
CA TYR A 27 -0.31 17.12 4.22
C TYR A 27 -0.75 17.79 2.92
N SER A 28 0.25 18.23 2.15
CA SER A 28 -0.02 18.82 0.84
C SER A 28 -0.26 17.70 -0.16
N PHE A 29 -1.47 17.64 -0.71
CA PHE A 29 -1.88 16.55 -1.59
C PHE A 29 -1.19 16.62 -2.95
N SER A 30 -0.85 17.82 -3.40
CA SER A 30 -0.23 17.99 -4.71
C SER A 30 1.25 17.69 -4.73
N SER A 31 1.86 17.45 -3.56
CA SER A 31 3.29 17.18 -3.46
C SER A 31 3.62 15.71 -3.29
N PHE A 32 2.62 14.83 -3.37
CA PHE A 32 2.84 13.42 -3.06
C PHE A 32 2.07 12.54 -4.03
N TRP A 33 2.52 11.28 -4.13
CA TRP A 33 1.84 10.25 -4.90
C TRP A 33 0.89 9.46 -4.01
N ILE A 34 -0.20 9.00 -4.61
CA ILE A 34 -1.17 8.12 -3.96
C ILE A 34 -1.19 6.82 -4.75
N GLY A 35 -0.93 5.71 -4.05
CA GLY A 35 -0.96 4.41 -4.66
C GLY A 35 -2.06 3.51 -4.15
N TRP A 36 -2.43 2.53 -4.97
CA TRP A 36 -3.50 1.59 -4.67
C TRP A 36 -2.91 0.18 -4.58
N VAL A 37 -3.26 -0.54 -3.52
CA VAL A 37 -2.75 -1.87 -3.24
C VAL A 37 -3.94 -2.78 -2.96
N ARG A 38 -4.06 -3.88 -3.70
CA ARG A 38 -5.12 -4.84 -3.39
C ARG A 38 -4.58 -5.98 -2.55
N GLN A 39 -5.50 -6.64 -1.86
CA GLN A 39 -5.19 -7.84 -1.08
C GLN A 39 -6.39 -8.77 -1.22
N MET A 40 -6.20 -9.87 -1.94
CA MET A 40 -7.19 -10.93 -2.00
C MET A 40 -7.24 -11.65 -0.65
N PRO A 41 -8.39 -12.25 -0.27
CA PRO A 41 -8.53 -12.86 1.06
C PRO A 41 -7.66 -14.10 1.25
N GLY A 42 -6.79 -14.04 2.24
CA GLY A 42 -5.78 -15.05 2.46
C GLY A 42 -4.52 -14.88 1.66
N LYS A 43 -4.37 -13.77 0.94
CA LYS A 43 -3.26 -13.55 0.03
C LYS A 43 -2.47 -12.32 0.48
N GLY A 44 -1.47 -11.96 -0.31
CA GLY A 44 -0.57 -10.87 0.02
C GLY A 44 -0.94 -9.58 -0.70
N LEU A 45 -0.04 -8.62 -0.58
CA LEU A 45 -0.23 -7.29 -1.15
C LEU A 45 0.21 -7.26 -2.60
N GLU A 46 -0.59 -6.58 -3.44
CA GLU A 46 -0.30 -6.46 -4.86
C GLU A 46 -0.38 -4.99 -5.26
N TRP A 47 0.70 -4.49 -5.86
CA TRP A 47 0.77 -3.11 -6.33
C TRP A 47 -0.06 -2.94 -7.60
N MET A 48 -0.96 -1.96 -7.60
CA MET A 48 -1.84 -1.71 -8.74
C MET A 48 -1.45 -0.48 -9.53
N GLY A 49 -1.17 0.63 -8.87
CA GLY A 49 -0.79 1.84 -9.57
C GLY A 49 -0.68 3.07 -8.69
N ILE A 50 0.01 4.08 -9.18
CA ILE A 50 0.24 5.32 -8.44
C ILE A 50 -0.19 6.50 -9.30
N ILE A 51 -0.60 7.57 -8.64
CA ILE A 51 -0.95 8.83 -9.31
C ILE A 51 -0.32 9.96 -8.53
N TYR A 52 0.21 10.97 -9.23
CA TYR A 52 0.75 12.14 -8.58
C TYR A 52 -0.35 13.18 -8.43
N GLY A 53 -0.40 13.82 -7.28
CA GLY A 53 -1.52 14.68 -6.93
C GLY A 53 -1.54 16.04 -7.58
N GLY A 54 -0.46 16.43 -8.26
CA GLY A 54 -0.37 17.75 -8.87
C GLY A 54 -0.91 17.83 -10.28
N ASP A 55 -0.48 16.92 -11.15
CA ASP A 55 -0.86 16.98 -12.56
C ASP A 55 -1.43 15.66 -13.08
N SER A 56 -1.85 14.78 -12.16
CA SER A 56 -2.53 13.50 -12.42
C SER A 56 -1.67 12.55 -13.29
N ASP A 57 -0.37 12.55 -13.06
CA ASP A 57 0.53 11.65 -13.76
C ASP A 57 0.41 10.26 -13.16
N THR A 58 -0.04 9.30 -13.96
CA THR A 58 -0.46 8.01 -13.47
C THR A 58 0.42 6.92 -14.07
N ARG A 59 0.93 6.03 -13.22
CA ARG A 59 1.61 4.83 -13.66
C ARG A 59 0.84 3.61 -13.17
N TYR A 60 0.61 2.66 -14.07
CA TYR A 60 -0.08 1.43 -13.74
C TYR A 60 0.89 0.25 -13.77
N SER A 61 0.54 -0.79 -13.03
CA SER A 61 1.21 -2.07 -13.17
C SER A 61 0.82 -2.70 -14.51
N PRO A 62 1.69 -3.52 -15.12
CA PRO A 62 1.30 -4.23 -16.35
C PRO A 62 0.25 -5.31 -16.16
N SER A 63 -0.01 -5.76 -14.94
CA SER A 63 -1.10 -6.68 -14.66
C SER A 63 -2.41 -5.96 -14.33
N PHE A 64 -2.43 -4.63 -14.41
CA PHE A 64 -3.62 -3.85 -14.09
C PHE A 64 -3.93 -2.78 -15.11
N GLN A 65 -3.20 -2.74 -16.23
CA GLN A 65 -3.42 -1.70 -17.24
C GLN A 65 -4.65 -2.04 -18.06
N GLY A 66 -5.63 -1.14 -18.05
CA GLY A 66 -6.87 -1.32 -18.76
C GLY A 66 -7.99 -1.92 -17.92
N GLN A 67 -7.66 -2.67 -16.88
CA GLN A 67 -8.67 -3.24 -16.01
C GLN A 67 -9.24 -2.19 -15.06
N VAL A 68 -8.40 -1.26 -14.60
CA VAL A 68 -8.80 -0.23 -13.66
C VAL A 68 -8.41 1.13 -14.22
N SER A 69 -9.00 2.18 -13.67
CA SER A 69 -8.62 3.55 -13.99
C SER A 69 -8.41 4.31 -12.69
N ILE A 70 -7.31 5.06 -12.60
CA ILE A 70 -6.97 5.81 -11.39
C ILE A 70 -7.01 7.29 -11.73
N SER A 71 -7.80 8.05 -10.97
CA SER A 71 -7.97 9.47 -11.17
C SER A 71 -7.71 10.21 -9.87
N ALA A 72 -7.63 11.54 -9.95
CA ALA A 72 -7.43 12.35 -8.75
C ALA A 72 -8.11 13.70 -8.94
N ASP A 73 -8.58 14.25 -7.81
CA ASP A 73 -9.11 15.61 -7.74
C ASP A 73 -8.32 16.35 -6.67
N LYS A 74 -7.45 17.26 -7.10
CA LYS A 74 -6.59 17.99 -6.17
C LYS A 74 -7.31 19.11 -5.45
N SER A 75 -8.49 19.53 -5.93
CA SER A 75 -9.27 20.53 -5.22
C SER A 75 -9.93 19.93 -3.99
N LEU A 76 -10.44 18.71 -4.09
CA LEU A 76 -11.00 17.99 -2.96
C LEU A 76 -9.96 17.20 -2.19
N SER A 77 -8.70 17.19 -2.68
CA SER A 77 -7.54 16.45 -2.15
C SER A 77 -7.83 14.95 -2.03
N THR A 78 -8.24 14.35 -3.13
CA THR A 78 -8.70 12.97 -3.11
C THR A 78 -8.26 12.24 -4.38
N ALA A 79 -8.27 10.91 -4.29
CA ALA A 79 -7.94 10.04 -5.40
C ALA A 79 -9.01 8.97 -5.55
N TYR A 80 -9.17 8.45 -6.76
CA TYR A 80 -10.20 7.47 -7.05
C TYR A 80 -9.66 6.29 -7.83
N LEU A 81 -10.19 5.12 -7.51
CA LEU A 81 -9.96 3.88 -8.25
C LEU A 81 -11.30 3.42 -8.81
N GLN A 82 -11.33 3.13 -10.11
CA GLN A 82 -12.59 2.93 -10.80
C GLN A 82 -12.53 1.70 -11.70
N TRP A 83 -13.57 0.89 -11.65
CA TRP A 83 -13.80 -0.19 -12.59
C TRP A 83 -14.89 0.18 -13.58
N SER A 84 -14.80 -0.38 -14.78
CA SER A 84 -15.86 -0.25 -15.76
C SER A 84 -16.87 -1.39 -15.63
N SER A 85 -16.39 -2.62 -15.70
CA SER A 85 -17.22 -3.81 -15.53
C SER A 85 -16.59 -4.68 -14.44
N LEU A 86 -17.36 -4.96 -13.39
CA LEU A 86 -16.86 -5.69 -12.24
C LEU A 86 -16.94 -7.19 -12.46
N LYS A 87 -15.89 -7.88 -12.07
CA LYS A 87 -15.73 -9.33 -12.16
C LYS A 87 -15.71 -9.93 -10.76
N PRO A 88 -16.08 -11.21 -10.61
CA PRO A 88 -16.01 -11.85 -9.27
C PRO A 88 -14.59 -12.09 -8.74
N SER A 89 -13.55 -11.94 -9.56
CA SER A 89 -12.17 -12.01 -9.09
C SER A 89 -11.67 -10.69 -8.49
N ASP A 90 -12.51 -9.65 -8.45
CA ASP A 90 -12.17 -8.38 -7.86
C ASP A 90 -12.60 -8.26 -6.40
N THR A 91 -12.92 -9.38 -5.75
CA THR A 91 -13.27 -9.38 -4.33
C THR A 91 -11.98 -9.27 -3.52
N ALA A 92 -11.74 -8.09 -2.95
CA ALA A 92 -10.45 -7.81 -2.32
C ALA A 92 -10.60 -6.65 -1.34
N MET A 93 -9.54 -6.46 -0.55
CA MET A 93 -9.37 -5.28 0.29
C MET A 93 -8.43 -4.33 -0.43
N TYR A 94 -8.87 -3.11 -0.64
CA TYR A 94 -8.13 -2.11 -1.40
C TYR A 94 -7.67 -1.01 -0.47
N TYR A 95 -6.36 -0.76 -0.47
CA TYR A 95 -5.73 0.23 0.38
C TYR A 95 -5.21 1.36 -0.49
N CYS A 96 -5.48 2.60 -0.09
CA CYS A 96 -4.76 3.74 -0.64
C CYS A 96 -3.63 4.10 0.31
N ALA A 97 -2.53 4.59 -0.26
CA ALA A 97 -1.35 4.89 0.55
C ALA A 97 -0.60 6.04 -0.09
N ARG A 98 0.23 6.69 0.72
CA ARG A 98 1.01 7.84 0.29
C ARG A 98 2.45 7.43 0.04
N THR A 99 2.99 7.83 -1.12
CA THR A 99 4.37 7.50 -1.44
C THR A 99 4.99 8.62 -2.26
N PHE A 100 6.32 8.63 -2.28
CA PHE A 100 7.10 9.56 -3.10
C PHE A 100 8.47 8.95 -3.32
N GLY A 101 8.87 8.82 -4.58
CA GLY A 101 10.23 8.40 -4.88
C GLY A 101 10.83 9.13 -6.06
N THR A 102 11.98 8.64 -6.53
CA THR A 102 12.64 9.24 -7.69
C THR A 102 11.89 8.88 -8.97
N TYR A 103 11.75 9.85 -9.87
CA TYR A 103 10.94 9.69 -11.07
C TYR A 103 11.60 8.76 -12.07
N TYR A 104 12.90 8.93 -12.31
CA TYR A 104 13.62 8.12 -13.28
C TYR A 104 14.43 7.02 -12.63
N ASP A 105 14.22 6.76 -11.34
CA ASP A 105 14.90 5.67 -10.63
C ASP A 105 13.85 4.96 -9.78
N ASN A 106 13.49 3.74 -10.19
CA ASN A 106 12.50 2.95 -9.46
C ASN A 106 13.07 2.31 -8.19
N THR A 107 14.38 2.25 -8.04
CA THR A 107 15.01 1.58 -6.93
C THR A 107 15.39 2.52 -5.80
N GLU A 108 14.74 3.68 -5.71
CA GLU A 108 15.07 4.68 -4.68
C GLU A 108 13.79 5.18 -4.02
N ASP A 109 13.57 4.71 -2.79
CA ASP A 109 12.70 5.32 -1.77
C ASP A 109 11.22 5.31 -2.13
N TRP A 110 10.73 4.32 -2.87
CA TRP A 110 9.30 4.27 -3.21
C TRP A 110 8.53 3.48 -2.15
N PHE A 111 8.44 4.07 -0.96
CA PHE A 111 7.83 3.40 0.18
C PHE A 111 6.52 4.07 0.57
N PHE A 112 5.58 3.25 1.06
CA PHE A 112 4.27 3.73 1.51
C PHE A 112 4.35 4.01 3.00
N ASP A 113 4.62 5.26 3.36
CA ASP A 113 4.80 5.58 4.78
C ASP A 113 3.48 5.73 5.53
N PHE A 114 2.42 6.17 4.85
CA PHE A 114 1.11 6.30 5.47
C PHE A 114 0.09 5.54 4.65
N TRP A 115 -0.79 4.81 5.33
CA TRP A 115 -1.75 3.91 4.71
C TRP A 115 -3.16 4.28 5.10
N GLY A 116 -4.10 4.03 4.18
CA GLY A 116 -5.50 4.07 4.52
C GLY A 116 -5.95 2.83 5.24
N HIS A 117 -7.15 2.88 5.81
CA HIS A 117 -7.67 1.76 6.57
C HIS A 117 -8.22 0.64 5.70
N GLY A 118 -8.48 0.92 4.42
CA GLY A 118 -8.90 -0.12 3.50
C GLY A 118 -10.38 -0.18 3.26
N THR A 119 -10.78 -0.52 2.04
CA THR A 119 -12.16 -0.78 1.69
C THR A 119 -12.30 -2.22 1.23
N LEU A 120 -13.46 -2.81 1.49
CA LEU A 120 -13.70 -4.21 1.18
C LEU A 120 -14.72 -4.29 0.06
N VAL A 121 -14.31 -4.82 -1.09
CA VAL A 121 -15.17 -4.93 -2.26
C VAL A 121 -15.45 -6.41 -2.51
N THR A 122 -16.72 -6.78 -2.44
CA THR A 122 -17.15 -8.13 -2.78
C THR A 122 -18.07 -8.10 -3.97
N VAL A 123 -17.83 -9.01 -4.92
CA VAL A 123 -18.58 -9.12 -6.16
C VAL A 123 -19.14 -10.53 -6.23
N SER A 124 -20.46 -10.61 -6.24
CA SER A 124 -21.12 -11.91 -6.31
C SER A 124 -22.51 -11.77 -6.91
N SER A 125 -22.98 -12.79 -7.62
CA SER A 125 -24.35 -12.79 -8.14
C SER A 125 -25.24 -13.41 -7.07
N ALA A 126 -25.30 -12.81 -5.89
CA ALA A 126 -26.07 -13.41 -4.79
C ALA A 126 -26.78 -12.33 -3.94
N SER A 127 -27.93 -12.64 -3.35
CA SER A 127 -28.73 -11.58 -2.67
C SER A 127 -28.64 -11.61 -1.15
N THR A 128 -29.05 -10.54 -0.47
CA THR A 128 -28.87 -10.47 0.99
C THR A 128 -29.73 -11.53 1.65
N LYS A 129 -29.09 -12.63 2.05
CA LYS A 129 -29.79 -13.81 2.55
C LYS A 129 -29.44 -14.02 4.01
N GLY A 130 -30.46 -14.24 4.84
CA GLY A 130 -30.27 -14.57 6.22
C GLY A 130 -29.77 -15.99 6.38
N PRO A 131 -29.12 -16.28 7.51
CA PRO A 131 -28.53 -17.61 7.70
C PRO A 131 -29.47 -18.62 8.31
N SER A 132 -29.18 -19.89 8.06
CA SER A 132 -29.79 -20.99 8.78
C SER A 132 -28.82 -21.48 9.85
N VAL A 133 -29.33 -21.68 11.06
CA VAL A 133 -28.52 -22.02 12.21
C VAL A 133 -28.92 -23.40 12.71
N PHE A 134 -27.97 -24.32 12.74
CA PHE A 134 -28.18 -25.69 13.20
C PHE A 134 -27.39 -25.96 14.47
N PRO A 135 -27.98 -26.66 15.45
CA PRO A 135 -27.26 -26.96 16.68
C PRO A 135 -26.23 -28.05 16.46
N LEU A 136 -25.17 -28.02 17.28
CA LEU A 136 -24.09 -28.97 17.15
C LEU A 136 -23.95 -29.58 18.53
N ALA A 137 -24.73 -30.64 18.77
CA ALA A 137 -25.04 -31.20 20.08
C ALA A 137 -23.91 -32.12 20.56
N PRO A 138 -23.64 -32.14 21.87
CA PRO A 138 -22.67 -33.11 22.41
C PRO A 138 -23.32 -34.48 22.56
N SER A 139 -22.50 -35.45 22.93
CA SER A 139 -22.94 -36.83 23.06
C SER A 139 -22.32 -37.43 24.32
N SER A 140 -22.68 -38.69 24.61
CA SER A 140 -22.07 -39.40 25.72
C SER A 140 -20.65 -39.84 25.39
N LYS A 141 -20.35 -40.03 24.10
CA LYS A 141 -18.99 -40.35 23.65
C LYS A 141 -18.13 -39.11 23.45
N SER A 142 -18.70 -37.91 23.65
CA SER A 142 -17.96 -36.66 23.53
C SER A 142 -17.25 -36.26 24.82
N THR A 143 -17.35 -37.07 25.88
CA THR A 143 -16.64 -36.82 27.13
C THR A 143 -15.20 -37.27 26.92
N SER A 144 -14.37 -36.36 26.44
CA SER A 144 -12.96 -36.62 26.18
C SER A 144 -12.14 -35.59 26.94
N GLY A 145 -11.24 -36.05 27.81
CA GLY A 145 -10.46 -35.15 28.63
C GLY A 145 -11.20 -34.54 29.80
N GLY A 146 -12.37 -35.08 30.15
CA GLY A 146 -13.16 -34.54 31.24
C GLY A 146 -14.04 -33.38 30.87
N THR A 147 -14.14 -33.03 29.59
CA THR A 147 -14.91 -31.88 29.15
C THR A 147 -15.61 -32.20 27.84
N ALA A 148 -16.66 -31.44 27.53
CA ALA A 148 -17.49 -31.66 26.35
C ALA A 148 -17.43 -30.44 25.45
N ALA A 149 -17.92 -30.61 24.23
CA ALA A 149 -17.92 -29.54 23.23
C ALA A 149 -19.30 -29.42 22.61
N LEU A 150 -19.75 -28.18 22.40
CA LEU A 150 -21.02 -27.96 21.73
C LEU A 150 -20.96 -26.66 20.95
N GLY A 151 -21.79 -26.53 19.93
CA GLY A 151 -21.67 -25.35 19.11
C GLY A 151 -22.86 -25.09 18.22
N CYS A 152 -22.67 -24.17 17.28
CA CYS A 152 -23.69 -23.83 16.29
C CYS A 152 -23.04 -23.72 14.92
N LEU A 153 -23.82 -24.09 13.90
CA LEU A 153 -23.39 -24.02 12.51
C LEU A 153 -24.25 -22.98 11.80
N VAL A 154 -23.60 -21.97 11.23
CA VAL A 154 -24.25 -20.83 10.63
C VAL A 154 -24.01 -20.91 9.13
N LYS A 155 -25.02 -21.30 8.36
CA LYS A 155 -24.82 -21.73 6.98
C LYS A 155 -25.72 -20.90 6.06
N ASP A 156 -25.22 -20.66 4.83
CA ASP A 156 -25.95 -20.12 3.67
C ASP A 156 -26.44 -18.69 3.91
N TYR A 157 -25.47 -17.80 4.11
CA TYR A 157 -25.74 -16.38 4.27
C TYR A 157 -24.89 -15.58 3.31
N PHE A 158 -25.36 -14.35 3.03
CA PHE A 158 -24.66 -13.39 2.20
C PHE A 158 -25.15 -12.01 2.61
N PRO A 159 -24.26 -11.02 2.75
CA PRO A 159 -22.79 -11.08 2.75
C PRO A 159 -22.20 -11.15 4.16
N GLU A 160 -20.91 -10.91 4.24
CA GLU A 160 -20.22 -10.81 5.52
C GLU A 160 -20.63 -9.52 6.24
N PRO A 161 -20.63 -9.50 7.59
CA PRO A 161 -20.36 -10.57 8.56
C PRO A 161 -21.57 -11.09 9.35
N VAL A 162 -21.29 -12.08 10.18
CA VAL A 162 -22.23 -12.62 11.16
C VAL A 162 -21.56 -12.55 12.53
N THR A 163 -22.20 -11.89 13.49
CA THR A 163 -21.72 -11.87 14.86
C THR A 163 -22.44 -12.95 15.66
N VAL A 164 -21.67 -13.84 16.26
CA VAL A 164 -22.20 -14.92 17.09
C VAL A 164 -21.74 -14.69 18.51
N SER A 165 -22.70 -14.63 19.44
CA SER A 165 -22.42 -14.58 20.87
C SER A 165 -22.99 -15.83 21.54
N TRP A 166 -22.63 -16.03 22.80
CA TRP A 166 -23.09 -17.18 23.56
C TRP A 166 -23.68 -16.71 24.89
N ASN A 167 -24.93 -17.12 25.14
CA ASN A 167 -25.72 -16.85 26.36
C ASN A 167 -25.87 -15.35 26.64
N SER A 168 -26.10 -14.58 25.56
CA SER A 168 -26.18 -13.11 25.51
C SER A 168 -24.93 -12.46 26.12
N GLY A 169 -23.77 -12.97 25.72
CA GLY A 169 -22.51 -12.42 26.17
C GLY A 169 -22.01 -12.93 27.50
N ALA A 170 -22.64 -13.97 28.06
CA ALA A 170 -22.19 -14.50 29.34
C ALA A 170 -20.96 -15.38 29.18
N LEU A 171 -21.09 -16.45 28.40
CA LEU A 171 -20.01 -17.42 28.21
C LEU A 171 -19.03 -16.86 27.19
N THR A 172 -17.94 -16.28 27.67
CA THR A 172 -16.87 -15.76 26.83
C THR A 172 -15.55 -16.39 27.30
N SER A 173 -15.56 -17.72 27.39
CA SER A 173 -14.40 -18.48 27.84
C SER A 173 -14.48 -19.86 27.17
N GLY A 174 -13.47 -20.18 26.37
CA GLY A 174 -13.50 -21.39 25.58
C GLY A 174 -14.26 -21.28 24.29
N VAL A 175 -14.73 -20.09 23.93
CA VAL A 175 -15.45 -19.87 22.68
C VAL A 175 -14.44 -19.80 21.53
N HIS A 176 -14.79 -20.40 20.40
CA HIS A 176 -13.96 -20.34 19.20
C HIS A 176 -14.88 -20.15 18.00
N THR A 177 -15.06 -18.90 17.58
CA THR A 177 -15.79 -18.60 16.37
C THR A 177 -14.84 -18.69 15.19
N PHE A 178 -15.07 -19.65 14.32
CA PHE A 178 -14.18 -19.95 13.21
C PHE A 178 -14.33 -18.91 12.10
N PRO A 179 -13.28 -18.68 11.30
CA PRO A 179 -13.42 -17.81 10.13
C PRO A 179 -14.31 -18.44 9.07
N ALA A 180 -15.03 -17.56 8.36
CA ALA A 180 -16.03 -18.00 7.40
C ALA A 180 -15.39 -18.43 6.09
N VAL A 181 -15.93 -19.49 5.51
CA VAL A 181 -15.47 -19.99 4.23
C VAL A 181 -16.56 -19.75 3.19
N LEU A 182 -16.12 -19.61 1.94
CA LEU A 182 -17.02 -19.38 0.82
C LEU A 182 -17.30 -20.70 0.14
N GLN A 183 -18.57 -21.06 0.06
CA GLN A 183 -18.98 -22.32 -0.55
C GLN A 183 -19.05 -22.17 -2.06
N SER A 184 -19.48 -23.25 -2.73
CA SER A 184 -19.71 -23.21 -4.18
C SER A 184 -21.17 -22.90 -4.51
N SER A 185 -21.71 -21.89 -3.83
CA SER A 185 -23.03 -21.36 -4.14
C SER A 185 -23.10 -19.85 -4.02
N GLY A 186 -21.99 -19.16 -3.75
CA GLY A 186 -22.02 -17.75 -3.45
C GLY A 186 -22.44 -17.42 -2.03
N LEU A 187 -22.47 -18.41 -1.15
CA LEU A 187 -22.95 -18.25 0.21
C LEU A 187 -21.89 -18.72 1.19
N TYR A 188 -21.90 -18.14 2.39
CA TYR A 188 -20.87 -18.38 3.38
C TYR A 188 -21.34 -19.34 4.46
N SER A 189 -20.38 -19.97 5.13
CA SER A 189 -20.65 -20.91 6.21
C SER A 189 -19.65 -20.68 7.32
N LEU A 190 -20.07 -20.96 8.55
CA LEU A 190 -19.31 -20.64 9.74
C LEU A 190 -19.68 -21.63 10.82
N SER A 191 -18.77 -21.83 11.77
CA SER A 191 -19.05 -22.62 12.96
C SER A 191 -18.57 -21.86 14.18
N SER A 192 -19.36 -21.90 15.24
CA SER A 192 -19.03 -21.22 16.49
C SER A 192 -19.21 -22.21 17.63
N VAL A 193 -18.11 -22.67 18.21
CA VAL A 193 -18.11 -23.75 19.18
C VAL A 193 -17.63 -23.23 20.53
N VAL A 194 -18.05 -23.93 21.59
CA VAL A 194 -17.59 -23.70 22.94
C VAL A 194 -17.25 -25.04 23.58
N THR A 195 -16.39 -24.98 24.59
CA THR A 195 -15.97 -26.15 25.36
C THR A 195 -16.46 -25.97 26.79
N VAL A 196 -17.32 -26.88 27.23
CA VAL A 196 -18.05 -26.75 28.49
C VAL A 196 -17.64 -27.92 29.37
N PRO A 197 -17.82 -27.80 30.69
CA PRO A 197 -17.72 -29.00 31.53
C PRO A 197 -18.83 -29.99 31.25
N SER A 198 -18.49 -31.28 31.39
CA SER A 198 -19.43 -32.33 31.04
C SER A 198 -20.53 -32.51 32.08
N SER A 199 -20.26 -32.13 33.33
CA SER A 199 -21.26 -32.23 34.38
C SER A 199 -22.16 -31.01 34.46
N SER A 200 -21.85 -29.94 33.72
CA SER A 200 -22.63 -28.71 33.75
C SER A 200 -23.63 -28.64 32.60
N LEU A 201 -23.91 -29.77 31.95
CA LEU A 201 -24.83 -29.79 30.82
C LEU A 201 -26.27 -29.61 31.26
N GLY A 202 -26.68 -30.32 32.31
CA GLY A 202 -28.04 -30.21 32.77
C GLY A 202 -28.31 -28.98 33.62
N THR A 203 -27.28 -28.49 34.32
CA THR A 203 -27.47 -27.33 35.19
C THR A 203 -27.51 -26.02 34.42
N GLN A 204 -26.84 -25.94 33.27
CA GLN A 204 -26.70 -24.70 32.52
C GLN A 204 -27.34 -24.84 31.15
N THR A 205 -28.10 -23.82 30.76
CA THR A 205 -28.71 -23.75 29.43
C THR A 205 -27.79 -22.99 28.48
N TYR A 206 -27.49 -23.60 27.33
CA TYR A 206 -26.54 -23.05 26.37
C TYR A 206 -27.28 -22.64 25.11
N ILE A 207 -27.45 -21.34 24.91
CA ILE A 207 -28.11 -20.77 23.74
C ILE A 207 -27.10 -19.93 22.99
N CYS A 208 -26.98 -20.15 21.69
CA CYS A 208 -26.14 -19.32 20.85
C CYS A 208 -26.98 -18.29 20.12
N ASN A 209 -26.40 -17.10 19.93
CA ASN A 209 -27.08 -15.94 19.41
C ASN A 209 -26.39 -15.54 18.12
N VAL A 210 -27.14 -15.52 17.02
CA VAL A 210 -26.59 -15.29 15.69
C VAL A 210 -27.25 -14.05 15.12
N ASN A 211 -26.44 -13.06 14.78
CA ASN A 211 -26.93 -11.82 14.20
C ASN A 211 -26.28 -11.60 12.84
N HIS A 212 -27.12 -11.39 11.83
CA HIS A 212 -26.69 -11.01 10.49
C HIS A 212 -27.34 -9.68 10.15
N LYS A 213 -26.54 -8.63 10.18
CA LYS A 213 -26.87 -7.23 9.95
C LYS A 213 -27.39 -6.83 8.54
N PRO A 214 -26.86 -7.30 7.38
CA PRO A 214 -27.48 -6.88 6.11
C PRO A 214 -28.84 -7.50 5.81
N SER A 215 -29.26 -8.53 6.53
CA SER A 215 -30.61 -9.07 6.37
C SER A 215 -31.48 -8.85 7.59
N ASN A 216 -30.95 -8.18 8.63
CA ASN A 216 -31.62 -7.85 9.91
C ASN A 216 -32.16 -9.09 10.63
N THR A 217 -31.40 -10.18 10.61
CA THR A 217 -31.86 -11.44 11.19
C THR A 217 -31.12 -11.71 12.50
N LYS A 218 -31.88 -11.86 13.58
CA LYS A 218 -31.34 -12.21 14.89
C LYS A 218 -32.03 -13.50 15.33
N VAL A 219 -31.31 -14.61 15.26
CA VAL A 219 -31.88 -15.93 15.54
C VAL A 219 -31.12 -16.57 16.69
N ASP A 220 -31.87 -17.16 17.62
CA ASP A 220 -31.32 -17.70 18.86
C ASP A 220 -31.61 -19.19 18.87
N LYS A 221 -30.57 -20.01 18.96
CA LYS A 221 -30.73 -21.46 18.94
C LYS A 221 -30.16 -22.05 20.22
N LYS A 222 -31.02 -22.71 20.99
CA LYS A 222 -30.57 -23.41 22.19
C LYS A 222 -30.05 -24.79 21.81
N VAL A 223 -28.85 -25.12 22.28
CA VAL A 223 -28.20 -26.38 21.93
C VAL A 223 -28.49 -27.37 23.04
N GLU A 224 -29.51 -28.20 22.85
CA GLU A 224 -29.79 -29.30 23.75
C GLU A 224 -28.78 -30.43 23.53
N PRO A 225 -28.41 -31.16 24.59
CA PRO A 225 -27.54 -32.33 24.40
C PRO A 225 -28.31 -33.50 23.80
N LYS A 226 -27.54 -34.46 23.31
CA LYS A 226 -28.13 -35.65 22.69
C LYS A 226 -27.31 -36.90 23.00
N ARG B 315 -1.51 59.25 -47.20
CA ARG B 315 -2.81 59.54 -47.79
C ARG B 315 -3.23 58.44 -48.75
N VAL B 316 -2.31 57.99 -49.59
CA VAL B 316 -2.58 56.90 -50.52
C VAL B 316 -2.50 55.59 -49.75
N GLN B 317 -3.61 54.87 -49.72
CA GLN B 317 -3.75 53.70 -48.87
C GLN B 317 -3.05 52.48 -49.50
N PRO B 318 -2.53 51.56 -48.68
CA PRO B 318 -1.98 50.32 -49.22
C PRO B 318 -3.07 49.38 -49.70
N THR B 319 -2.87 48.81 -50.88
CA THR B 319 -3.85 47.92 -51.49
C THR B 319 -3.54 46.44 -51.26
N GLU B 320 -2.39 46.12 -50.67
CA GLU B 320 -1.97 44.73 -50.53
C GLU B 320 -1.00 44.64 -49.37
N SER B 321 -0.88 43.44 -48.80
CA SER B 321 0.05 43.15 -47.72
C SER B 321 0.90 41.95 -48.10
N ILE B 322 2.22 42.12 -48.05
CA ILE B 322 3.15 41.05 -48.39
C ILE B 322 4.00 40.72 -47.17
N VAL B 323 4.32 39.43 -47.03
CA VAL B 323 5.14 38.92 -45.93
C VAL B 323 6.28 38.13 -46.55
N ARG B 324 7.52 38.52 -46.24
CA ARG B 324 8.71 37.84 -46.75
C ARG B 324 9.54 37.34 -45.56
N PHE B 325 9.43 36.05 -45.28
CA PHE B 325 10.23 35.32 -44.32
C PHE B 325 11.16 34.36 -45.07
N PRO B 326 12.28 33.93 -44.47
CA PRO B 326 13.11 32.92 -45.12
C PRO B 326 12.45 31.55 -45.18
N ASN B 327 12.83 30.78 -46.20
CA ASN B 327 12.13 29.55 -46.59
C ASN B 327 12.70 28.31 -45.91
N ILE B 328 12.80 28.35 -44.59
CA ILE B 328 13.27 27.20 -43.82
C ILE B 328 12.08 26.58 -43.10
N THR B 329 12.18 25.29 -42.82
CA THR B 329 11.09 24.53 -42.21
C THR B 329 11.52 23.80 -40.95
N ASN B 330 12.74 24.03 -40.46
CA ASN B 330 13.21 23.39 -39.25
C ASN B 330 12.60 24.06 -38.04
N LEU B 331 12.00 23.28 -37.16
CA LEU B 331 11.47 23.82 -35.92
C LEU B 331 12.57 23.92 -34.87
N CYS B 332 12.46 24.95 -34.01
CA CYS B 332 13.46 25.20 -32.99
C CYS B 332 13.31 24.20 -31.85
N PRO B 333 14.42 23.74 -31.24
CA PRO B 333 14.31 22.72 -30.19
C PRO B 333 14.01 23.28 -28.80
N PHE B 334 12.84 23.90 -28.66
CA PHE B 334 12.36 24.32 -27.35
C PHE B 334 11.89 23.13 -26.53
N HIS B 335 11.45 22.07 -27.22
CA HIS B 335 10.98 20.85 -26.59
C HIS B 335 12.12 20.12 -25.87
N GLU B 336 13.33 20.18 -26.44
CA GLU B 336 14.48 19.56 -25.81
C GLU B 336 14.97 20.36 -24.61
N VAL B 337 14.76 21.68 -24.61
CA VAL B 337 15.07 22.49 -23.44
C VAL B 337 14.08 22.21 -22.32
N PHE B 338 12.79 22.12 -22.66
CA PHE B 338 11.76 22.11 -21.63
C PHE B 338 11.53 20.75 -20.99
N ASN B 339 11.87 19.64 -21.64
CA ASN B 339 11.69 18.33 -21.02
C ASN B 339 12.98 17.51 -20.94
N ALA B 340 14.10 18.18 -20.66
CA ALA B 340 15.33 17.49 -20.30
C ALA B 340 15.18 16.82 -18.94
N THR B 341 15.81 15.65 -18.80
CA THR B 341 15.65 14.85 -17.60
C THR B 341 16.40 15.44 -16.41
N THR B 342 17.54 16.06 -16.65
CA THR B 342 18.32 16.71 -15.60
C THR B 342 18.51 18.17 -15.97
N PHE B 343 18.03 19.06 -15.11
CA PHE B 343 18.32 20.47 -15.24
C PHE B 343 19.56 20.82 -14.41
N ALA B 344 20.10 22.00 -14.66
CA ALA B 344 21.36 22.40 -14.04
C ALA B 344 21.11 23.10 -12.71
N SER B 345 22.19 23.26 -11.94
CA SER B 345 22.17 24.10 -10.76
C SER B 345 22.28 25.57 -11.16
N VAL B 346 21.97 26.46 -10.22
CA VAL B 346 21.90 27.88 -10.56
C VAL B 346 23.28 28.53 -10.61
N TYR B 347 24.28 27.97 -9.93
CA TYR B 347 25.64 28.49 -10.06
C TYR B 347 26.29 28.06 -11.37
N ALA B 348 25.77 27.02 -12.02
CA ALA B 348 26.31 26.44 -13.24
C ALA B 348 25.19 26.20 -14.24
N TRP B 349 24.40 27.25 -14.52
CA TRP B 349 23.21 27.15 -15.36
C TRP B 349 23.58 26.86 -16.81
N ASN B 350 22.64 26.25 -17.53
CA ASN B 350 22.91 25.78 -18.88
C ASN B 350 22.35 26.80 -19.86
N ARG B 351 23.19 27.24 -20.79
CA ARG B 351 22.80 28.18 -21.83
C ARG B 351 22.86 27.48 -23.18
N LYS B 352 21.74 27.46 -23.88
CA LYS B 352 21.64 26.85 -25.20
C LYS B 352 21.34 27.94 -26.22
N ARG B 353 22.14 27.97 -27.29
CA ARG B 353 21.91 28.91 -28.38
C ARG B 353 20.89 28.35 -29.35
N ILE B 354 19.88 29.14 -29.68
CA ILE B 354 18.83 28.75 -30.61
C ILE B 354 18.97 29.62 -31.84
N SER B 355 19.26 28.99 -32.99
CA SER B 355 19.47 29.73 -34.23
C SER B 355 19.13 28.84 -35.41
N ASN B 356 18.84 29.51 -36.55
CA ASN B 356 18.60 28.92 -37.87
C ASN B 356 17.42 27.94 -37.88
N CYS B 357 16.30 28.36 -37.29
CA CYS B 357 15.13 27.52 -37.22
C CYS B 357 13.88 28.38 -37.14
N VAL B 358 12.73 27.73 -37.28
CA VAL B 358 11.43 28.40 -37.15
C VAL B 358 10.97 28.26 -35.70
N ALA B 359 10.75 29.39 -35.04
CA ALA B 359 10.44 29.42 -33.61
C ALA B 359 8.93 29.42 -33.44
N ASP B 360 8.37 28.23 -33.24
CA ASP B 360 6.97 28.09 -32.88
C ASP B 360 6.85 28.04 -31.37
N TYR B 361 6.18 29.03 -30.79
CA TYR B 361 6.12 29.18 -29.35
C TYR B 361 4.90 28.51 -28.73
N SER B 362 4.09 27.80 -29.51
CA SER B 362 2.99 27.03 -28.98
C SER B 362 3.42 25.67 -28.43
N VAL B 363 4.68 25.29 -28.68
CA VAL B 363 5.26 24.09 -28.08
C VAL B 363 5.45 24.28 -26.58
N ILE B 364 5.73 25.52 -26.15
CA ILE B 364 5.82 25.87 -24.73
C ILE B 364 4.46 25.76 -24.04
N TYR B 365 3.38 26.09 -24.75
CA TYR B 365 2.05 26.16 -24.15
C TYR B 365 1.42 24.81 -23.88
N ASN B 366 1.93 23.71 -24.45
CA ASN B 366 1.38 22.39 -24.14
C ASN B 366 2.12 21.71 -22.99
N PHE B 367 2.94 22.45 -22.26
CA PHE B 367 3.63 21.96 -21.08
C PHE B 367 2.77 22.23 -19.84
N ALA B 368 3.38 22.19 -18.66
CA ALA B 368 2.70 22.31 -17.38
C ALA B 368 2.13 23.72 -17.18
N PRO B 369 1.08 23.86 -16.35
CA PRO B 369 0.64 25.19 -15.92
C PRO B 369 1.72 25.92 -15.12
N PHE B 370 2.19 27.03 -15.68
CA PHE B 370 3.40 27.68 -15.21
C PHE B 370 3.13 28.51 -13.95
N PHE B 371 4.10 28.50 -13.05
CA PHE B 371 4.08 29.42 -11.92
C PHE B 371 4.35 30.85 -12.38
N ALA B 372 5.20 31.01 -13.39
CA ALA B 372 5.47 32.32 -13.94
C ALA B 372 5.71 32.20 -15.44
N PHE B 373 5.10 33.09 -16.22
CA PHE B 373 5.32 33.18 -17.65
C PHE B 373 5.49 34.66 -18.00
N LYS B 374 6.41 35.31 -17.30
CA LYS B 374 6.50 36.77 -17.33
C LYS B 374 7.46 37.21 -18.41
N CYS B 375 6.97 37.97 -19.38
CA CYS B 375 7.77 38.45 -20.50
C CYS B 375 8.01 39.95 -20.37
N TYR B 376 9.26 40.35 -20.58
CA TYR B 376 9.71 41.74 -20.41
C TYR B 376 10.16 42.24 -21.78
N GLY B 377 9.59 43.38 -22.19
CA GLY B 377 9.94 43.99 -23.46
C GLY B 377 9.23 43.44 -24.66
N VAL B 378 8.37 42.43 -24.49
CA VAL B 378 7.68 41.78 -25.59
C VAL B 378 6.36 41.23 -25.06
N SER B 379 5.38 41.13 -25.95
CA SER B 379 4.13 40.49 -25.58
C SER B 379 4.25 38.98 -25.73
N PRO B 380 3.64 38.20 -24.83
CA PRO B 380 3.69 36.73 -24.98
C PRO B 380 2.82 36.19 -26.10
N THR B 381 1.82 36.95 -26.56
CA THR B 381 0.94 36.51 -27.64
C THR B 381 1.41 36.95 -29.01
N LYS B 382 2.49 37.73 -29.10
CA LYS B 382 3.00 38.23 -30.36
C LYS B 382 4.31 37.57 -30.76
N LEU B 383 4.78 36.57 -30.00
CA LEU B 383 6.09 35.95 -30.21
C LEU B 383 6.13 35.08 -31.46
N ASN B 384 4.98 34.67 -31.98
CA ASN B 384 4.91 33.98 -33.25
C ASN B 384 4.96 34.92 -34.45
N ASP B 385 4.90 36.23 -34.23
CA ASP B 385 4.88 37.20 -35.31
C ASP B 385 6.22 37.89 -35.54
N LEU B 386 7.26 37.53 -34.78
CA LEU B 386 8.49 38.30 -34.75
C LEU B 386 9.68 37.46 -35.20
N CYS B 387 10.76 38.15 -35.55
CA CYS B 387 12.04 37.55 -35.84
C CYS B 387 13.07 38.08 -34.85
N PHE B 388 13.99 37.21 -34.44
CA PHE B 388 14.97 37.55 -33.42
C PHE B 388 16.38 37.29 -33.94
N THR B 389 17.33 38.08 -33.44
CA THR B 389 18.71 37.97 -33.87
C THR B 389 19.42 36.83 -33.14
N ASN B 390 19.53 36.94 -31.82
CA ASN B 390 20.22 35.96 -30.99
C ASN B 390 19.27 35.45 -29.93
N VAL B 391 18.94 34.17 -29.97
CA VAL B 391 18.04 33.55 -29.00
C VAL B 391 18.86 32.66 -28.08
N TYR B 392 18.71 32.87 -26.77
CA TYR B 392 19.37 32.07 -25.75
C TYR B 392 18.33 31.47 -24.82
N ALA B 393 18.53 30.22 -24.42
CA ALA B 393 17.68 29.56 -23.43
C ALA B 393 18.54 29.15 -22.24
N ASP B 394 18.25 29.73 -21.08
CA ASP B 394 18.99 29.48 -19.85
C ASP B 394 18.14 28.66 -18.91
N SER B 395 18.64 27.50 -18.50
CA SER B 395 17.89 26.57 -17.67
C SER B 395 18.62 26.34 -16.36
N PHE B 396 17.85 26.38 -15.26
CA PHE B 396 18.35 26.06 -13.92
C PHE B 396 17.18 25.66 -13.02
N VAL B 397 17.51 25.32 -11.76
CA VAL B 397 16.56 24.92 -10.73
C VAL B 397 16.78 25.81 -9.51
N ILE B 398 15.72 26.48 -9.05
CA ILE B 398 15.74 27.30 -7.84
C ILE B 398 14.59 26.93 -6.92
N ARG B 399 14.45 27.66 -5.82
CA ARG B 399 13.31 27.52 -4.93
C ARG B 399 12.12 28.35 -5.42
N GLY B 400 10.99 28.21 -4.73
CA GLY B 400 9.79 28.93 -5.15
C GLY B 400 9.73 30.37 -4.71
N ASN B 401 10.46 30.74 -3.66
CA ASN B 401 10.49 32.12 -3.22
C ASN B 401 11.62 32.93 -3.85
N GLU B 402 12.36 32.35 -4.80
CA GLU B 402 13.37 33.05 -5.56
C GLU B 402 12.97 33.23 -7.03
N VAL B 403 11.73 32.90 -7.38
CA VAL B 403 11.24 33.01 -8.75
C VAL B 403 11.09 34.46 -9.16
N SER B 404 10.63 35.31 -8.23
CA SER B 404 10.52 36.75 -8.47
C SER B 404 11.88 37.44 -8.54
N GLN B 405 12.92 36.81 -8.00
CA GLN B 405 14.28 37.30 -8.08
C GLN B 405 14.89 37.11 -9.47
N ILE B 406 14.32 36.24 -10.30
CA ILE B 406 14.72 36.18 -11.71
C ILE B 406 13.91 37.23 -12.45
N ALA B 407 14.40 38.46 -12.41
CA ALA B 407 13.75 39.65 -12.95
C ALA B 407 14.81 40.75 -13.05
N PRO B 408 14.61 41.75 -13.92
CA PRO B 408 15.51 42.91 -13.90
C PRO B 408 15.37 43.74 -12.64
N GLY B 409 16.50 44.24 -12.15
CA GLY B 409 16.54 45.10 -10.98
C GLY B 409 16.22 44.41 -9.67
N GLN B 410 16.81 43.26 -9.40
CA GLN B 410 16.54 42.50 -8.19
C GLN B 410 17.82 42.30 -7.38
N THR B 411 17.64 42.12 -6.07
CA THR B 411 18.74 42.00 -5.14
C THR B 411 18.43 40.83 -4.21
N GLY B 412 19.42 39.95 -4.00
CA GLY B 412 19.27 38.83 -3.10
C GLY B 412 20.47 37.92 -3.10
N ASN B 413 20.24 36.61 -3.25
CA ASN B 413 21.33 35.64 -3.37
C ASN B 413 21.43 35.04 -4.76
N ILE B 414 20.29 34.80 -5.41
CA ILE B 414 20.30 34.26 -6.77
C ILE B 414 20.68 35.35 -7.76
N ALA B 415 20.15 36.56 -7.58
CA ALA B 415 20.43 37.65 -8.50
C ALA B 415 21.84 38.19 -8.31
N ASP B 416 22.31 38.30 -7.07
CA ASP B 416 23.62 38.88 -6.82
C ASP B 416 24.76 37.90 -7.07
N TYR B 417 24.59 36.63 -6.72
CA TYR B 417 25.70 35.68 -6.73
C TYR B 417 25.54 34.51 -7.68
N ASN B 418 24.35 34.25 -8.22
CA ASN B 418 24.14 33.08 -9.07
C ASN B 418 23.76 33.44 -10.50
N TYR B 419 22.68 34.19 -10.71
CA TYR B 419 22.17 34.46 -12.05
C TYR B 419 21.63 35.88 -12.10
N LYS B 420 22.34 36.76 -12.79
CA LYS B 420 21.98 38.17 -12.88
C LYS B 420 21.42 38.47 -14.26
N LEU B 421 20.26 39.09 -14.31
CA LEU B 421 19.59 39.61 -15.48
C LEU B 421 19.93 41.09 -15.66
N PRO B 422 20.06 41.58 -16.91
CA PRO B 422 20.35 43.00 -17.11
C PRO B 422 19.12 43.86 -16.85
N ASP B 423 19.36 45.15 -16.68
CA ASP B 423 18.26 46.10 -16.54
C ASP B 423 17.52 46.30 -17.84
N ASP B 424 18.25 46.30 -18.96
CA ASP B 424 17.64 46.41 -20.30
C ASP B 424 17.42 45.04 -20.93
N PHE B 425 16.67 44.21 -20.22
CA PHE B 425 16.44 42.82 -20.58
C PHE B 425 15.20 42.71 -21.44
N THR B 426 15.31 41.99 -22.54
CA THR B 426 14.17 41.60 -23.35
C THR B 426 14.10 40.08 -23.40
N GLY B 427 12.89 39.54 -23.32
CA GLY B 427 12.71 38.10 -23.30
C GLY B 427 11.78 37.69 -22.20
N CYS B 428 11.65 36.38 -22.03
CA CYS B 428 10.65 35.82 -21.11
C CYS B 428 11.32 34.98 -20.03
N VAL B 429 10.65 34.90 -18.89
CA VAL B 429 11.05 34.04 -17.78
C VAL B 429 9.90 33.07 -17.51
N ILE B 430 10.15 31.79 -17.73
CA ILE B 430 9.13 30.74 -17.64
C ILE B 430 9.56 29.78 -16.55
N ALA B 431 8.80 29.73 -15.46
CA ALA B 431 9.14 28.92 -14.30
C ALA B 431 7.95 28.05 -13.91
N TRP B 432 8.20 26.76 -13.71
CA TRP B 432 7.14 25.83 -13.32
C TRP B 432 7.62 24.93 -12.20
N ASN B 433 6.66 24.43 -11.42
CA ASN B 433 6.97 23.59 -10.27
C ASN B 433 7.41 22.20 -10.72
N SER B 434 8.51 21.73 -10.15
CA SER B 434 9.12 20.46 -10.50
C SER B 434 9.47 19.67 -9.26
N ASN B 435 8.51 19.57 -8.35
CA ASN B 435 8.66 18.76 -7.15
C ASN B 435 8.69 17.27 -7.48
N LYS B 436 7.92 16.86 -8.51
CA LYS B 436 7.83 15.47 -8.93
C LYS B 436 9.15 14.97 -9.51
N LEU B 437 9.92 15.84 -10.14
CA LEU B 437 11.14 15.45 -10.82
C LEU B 437 12.40 15.64 -9.98
N ASP B 438 12.43 16.62 -9.08
CA ASP B 438 13.66 17.03 -8.41
C ASP B 438 13.52 17.05 -6.90
N SER B 439 12.80 16.09 -6.32
CA SER B 439 12.77 15.94 -4.88
C SER B 439 12.96 14.49 -4.49
N LYS B 440 13.61 14.29 -3.35
CA LYS B 440 13.78 13.02 -2.68
C LYS B 440 13.32 13.17 -1.24
N PRO B 441 12.79 12.10 -0.63
CA PRO B 441 12.30 12.21 0.76
C PRO B 441 13.39 12.41 1.80
N SER B 442 14.60 11.90 1.56
CA SER B 442 15.72 12.20 2.45
C SER B 442 16.41 13.51 2.10
N GLY B 443 16.08 14.10 0.95
CA GLY B 443 16.70 15.35 0.50
C GLY B 443 17.48 15.16 -0.78
N ASN B 444 17.24 16.05 -1.72
CA ASN B 444 17.97 16.07 -2.99
C ASN B 444 19.13 17.04 -2.85
N TYR B 445 20.34 16.51 -2.71
CA TYR B 445 21.52 17.31 -2.47
C TYR B 445 22.35 17.54 -3.73
N ASN B 446 21.76 17.32 -4.90
CA ASN B 446 22.46 17.54 -6.16
C ASN B 446 22.28 18.95 -6.71
N TYR B 447 21.54 19.80 -6.02
CA TYR B 447 21.29 21.17 -6.46
C TYR B 447 21.92 22.13 -5.46
N LEU B 448 22.77 23.03 -5.97
CA LEU B 448 23.57 23.91 -5.14
C LEU B 448 23.34 25.36 -5.56
N TYR B 449 23.66 26.28 -4.64
CA TYR B 449 23.65 27.70 -4.94
C TYR B 449 24.83 28.35 -4.23
N ARG B 450 25.32 29.44 -4.82
CA ARG B 450 26.41 30.21 -4.24
C ARG B 450 25.85 31.28 -3.33
N PHE B 451 26.30 31.30 -2.07
CA PHE B 451 25.85 32.29 -1.11
C PHE B 451 26.98 33.13 -0.54
N LEU B 452 28.22 32.90 -0.94
CA LEU B 452 29.36 33.69 -0.48
C LEU B 452 30.24 34.05 -1.68
N ARG B 453 30.37 35.35 -1.93
CA ARG B 453 31.20 35.86 -3.02
C ARG B 453 31.63 37.28 -2.65
N LYS B 454 32.85 37.66 -3.08
CA LYS B 454 33.41 38.97 -2.76
C LYS B 454 32.65 40.12 -3.40
N SER B 455 32.09 39.91 -4.59
CA SER B 455 31.42 40.98 -5.30
C SER B 455 30.15 40.45 -5.94
N LYS B 456 29.26 41.36 -6.31
CA LYS B 456 28.06 41.00 -7.03
C LYS B 456 28.41 40.63 -8.47
N LEU B 457 27.52 39.86 -9.09
CA LEU B 457 27.75 39.39 -10.44
C LEU B 457 27.40 40.47 -11.46
N LYS B 458 28.08 40.41 -12.59
CA LYS B 458 27.66 41.10 -13.80
C LYS B 458 26.50 40.34 -14.43
N PRO B 459 25.71 40.99 -15.30
CA PRO B 459 24.68 40.24 -16.04
C PRO B 459 25.24 39.20 -17.00
N PHE B 460 24.65 37.99 -16.92
CA PHE B 460 25.01 36.78 -17.67
C PHE B 460 26.47 36.37 -17.47
N GLU B 461 26.95 36.46 -16.23
CA GLU B 461 28.28 36.00 -15.87
C GLU B 461 28.14 34.73 -15.05
N ARG B 462 28.81 33.66 -15.48
CA ARG B 462 28.75 32.37 -14.80
C ARG B 462 29.98 32.22 -13.92
N ASP B 463 29.77 31.86 -12.65
CA ASP B 463 30.85 31.58 -11.72
C ASP B 463 30.70 30.15 -11.24
N ILE B 464 31.66 29.31 -11.62
CA ILE B 464 31.65 27.89 -11.24
C ILE B 464 32.83 27.57 -10.33
N SER B 465 33.36 28.55 -9.61
CA SER B 465 34.51 28.35 -8.74
C SER B 465 34.11 27.67 -7.45
N THR B 466 34.99 26.81 -6.94
CA THR B 466 34.80 26.12 -5.68
C THR B 466 35.91 26.45 -4.69
N GLU B 467 36.46 27.67 -4.79
CA GLU B 467 37.54 28.07 -3.91
C GLU B 467 37.02 28.37 -2.51
N ILE B 468 37.82 28.05 -1.50
CA ILE B 468 37.41 28.15 -0.11
C ILE B 468 37.43 29.61 0.32
N TYR B 469 36.27 30.11 0.77
CA TYR B 469 36.07 31.52 1.06
C TYR B 469 36.42 31.82 2.52
N GLN B 470 37.22 32.86 2.74
CA GLN B 470 37.53 33.32 4.08
C GLN B 470 36.63 34.47 4.48
N VAL B 471 36.11 34.42 5.70
CA VAL B 471 35.24 35.47 6.23
C VAL B 471 35.88 36.26 7.36
N GLY B 472 37.03 35.83 7.88
CA GLY B 472 37.71 36.53 8.94
C GLY B 472 39.01 37.17 8.48
N ASN B 473 39.74 37.71 9.46
CA ASN B 473 41.02 38.34 9.20
C ASN B 473 42.17 37.35 9.12
N LYS B 474 41.95 36.10 9.52
CA LYS B 474 42.98 35.08 9.42
C LYS B 474 43.17 34.66 7.97
N PRO B 475 44.40 34.30 7.58
CA PRO B 475 44.60 33.73 6.25
C PRO B 475 44.03 32.32 6.16
N CYS B 476 43.66 31.93 4.94
CA CYS B 476 42.99 30.67 4.69
C CYS B 476 43.74 29.95 3.58
N ASN B 477 43.98 28.65 3.78
CA ASN B 477 44.87 27.89 2.91
C ASN B 477 44.16 26.67 2.31
N GLY B 478 42.92 26.86 1.85
CA GLY B 478 42.21 25.82 1.14
C GLY B 478 41.55 24.77 2.00
N VAL B 479 41.64 24.88 3.32
CA VAL B 479 41.02 23.94 4.25
C VAL B 479 39.91 24.67 4.99
N ALA B 480 38.71 24.12 4.96
CA ALA B 480 37.57 24.72 5.64
C ALA B 480 37.68 24.52 7.15
N GLY B 481 38.23 25.51 7.84
CA GLY B 481 38.50 25.39 9.25
C GLY B 481 37.67 26.31 10.12
N PRO B 482 38.32 27.27 10.81
CA PRO B 482 37.59 28.15 11.74
C PRO B 482 36.68 29.17 11.07
N ASN B 483 37.22 29.94 10.12
CA ASN B 483 36.47 30.97 9.43
C ASN B 483 36.47 30.76 7.93
N CYS B 484 36.71 29.53 7.49
CA CYS B 484 36.84 29.21 6.07
C CYS B 484 35.64 28.36 5.67
N TYR B 485 34.89 28.82 4.68
CA TYR B 485 33.67 28.16 4.26
C TYR B 485 33.64 27.96 2.76
N SER B 486 33.05 26.85 2.32
CA SER B 486 32.78 26.64 0.92
C SER B 486 31.60 27.52 0.50
N PRO B 487 31.66 28.13 -0.70
CA PRO B 487 30.58 29.05 -1.11
C PRO B 487 29.33 28.36 -1.58
N LEU B 488 29.35 27.06 -1.84
CA LEU B 488 28.21 26.36 -2.41
C LEU B 488 27.43 25.67 -1.30
N GLN B 489 26.18 26.06 -1.13
CA GLN B 489 25.28 25.44 -0.18
C GLN B 489 24.20 24.68 -0.94
N SER B 490 23.83 23.52 -0.42
CA SER B 490 22.84 22.68 -1.08
C SER B 490 21.44 23.08 -0.67
N TYR B 491 20.48 22.73 -1.53
CA TYR B 491 19.08 23.03 -1.25
C TYR B 491 18.47 21.97 -0.34
N GLY B 492 18.67 20.71 -0.67
CA GLY B 492 18.12 19.61 0.11
C GLY B 492 16.62 19.45 -0.07
N PHE B 493 16.20 19.27 -1.32
CA PHE B 493 14.79 19.33 -1.68
C PHE B 493 14.02 18.10 -1.20
N ARG B 494 12.88 18.33 -0.55
CA ARG B 494 12.03 17.31 0.01
C ARG B 494 10.59 17.54 -0.42
N PRO B 495 9.77 16.48 -0.53
CA PRO B 495 8.35 16.68 -0.80
C PRO B 495 7.56 17.20 0.39
N THR B 496 8.10 17.12 1.60
CA THR B 496 7.45 17.61 2.80
C THR B 496 7.61 19.11 3.00
N TYR B 497 8.35 19.78 2.12
CA TYR B 497 8.50 21.23 2.20
C TYR B 497 7.24 21.94 1.70
N GLY B 498 7.17 23.23 1.99
CA GLY B 498 6.15 24.07 1.41
C GLY B 498 6.48 24.45 -0.02
N VAL B 499 5.55 25.19 -0.64
CA VAL B 499 5.70 25.53 -2.05
C VAL B 499 6.73 26.63 -2.28
N GLY B 500 7.13 27.36 -1.24
CA GLY B 500 8.21 28.31 -1.35
C GLY B 500 9.59 27.70 -1.25
N HIS B 501 9.69 26.44 -0.84
CA HIS B 501 10.96 25.74 -0.74
C HIS B 501 11.05 24.52 -1.64
N GLN B 502 10.01 24.25 -2.42
CA GLN B 502 9.98 23.16 -3.37
C GLN B 502 10.80 23.53 -4.61
N PRO B 503 11.31 22.53 -5.35
CA PRO B 503 12.10 22.86 -6.55
C PRO B 503 11.26 23.37 -7.71
N TYR B 504 11.78 24.40 -8.38
CA TYR B 504 11.13 25.02 -9.52
C TYR B 504 12.14 25.09 -10.66
N ARG B 505 11.71 24.67 -11.85
CA ARG B 505 12.54 24.70 -13.04
C ARG B 505 12.28 25.99 -13.80
N VAL B 506 13.36 26.73 -14.11
CA VAL B 506 13.29 28.04 -14.74
C VAL B 506 14.02 27.97 -16.08
N VAL B 507 13.33 28.39 -17.14
CA VAL B 507 13.89 28.62 -18.46
C VAL B 507 13.73 30.10 -18.77
N VAL B 508 14.84 30.78 -19.04
CA VAL B 508 14.86 32.20 -19.39
C VAL B 508 15.22 32.30 -20.87
N LEU B 509 14.30 32.84 -21.66
CA LEU B 509 14.53 33.06 -23.08
C LEU B 509 14.96 34.50 -23.29
N SER B 510 16.17 34.69 -23.83
CA SER B 510 16.74 36.01 -24.06
C SER B 510 16.85 36.25 -25.54
N PHE B 511 16.33 37.39 -25.99
CA PHE B 511 16.34 37.76 -27.40
C PHE B 511 17.26 38.95 -27.65
N ILE C 2 11.24 -7.45 -11.71
CA ILE C 2 11.78 -7.59 -10.36
C ILE C 2 10.85 -8.45 -9.51
N GLN C 3 11.38 -9.54 -8.96
CA GLN C 3 10.65 -10.41 -8.06
C GLN C 3 11.37 -10.48 -6.73
N MET C 4 10.61 -10.40 -5.65
CA MET C 4 11.14 -10.31 -4.30
C MET C 4 10.61 -11.48 -3.49
N THR C 5 11.52 -12.25 -2.89
CA THR C 5 11.19 -13.51 -2.23
C THR C 5 11.67 -13.45 -0.79
N GLN C 6 10.76 -13.69 0.15
CA GLN C 6 11.12 -13.69 1.57
C GLN C 6 11.50 -15.10 2.01
N SER C 7 12.66 -15.22 2.65
CA SER C 7 13.30 -16.51 2.88
C SER C 7 12.68 -17.34 4.00
N PRO C 8 12.22 -16.79 5.15
CA PRO C 8 11.29 -17.60 5.95
C PRO C 8 9.85 -17.32 5.57
N SER C 9 9.07 -18.38 5.44
CA SER C 9 7.65 -18.23 5.18
C SER C 9 6.86 -18.14 6.49
N THR C 10 7.26 -18.89 7.50
CA THR C 10 6.67 -18.84 8.83
C THR C 10 7.78 -19.07 9.83
N LEU C 11 7.93 -18.17 10.80
CA LEU C 11 8.94 -18.30 11.83
C LEU C 11 8.26 -18.30 13.19
N SER C 12 8.83 -19.05 14.13
CA SER C 12 8.29 -19.18 15.47
C SER C 12 9.27 -18.58 16.46
N ALA C 13 8.75 -17.77 17.38
CA ALA C 13 9.57 -17.08 18.36
C ALA C 13 8.74 -16.77 19.60
N SER C 14 9.43 -16.49 20.70
CA SER C 14 8.80 -16.15 21.95
C SER C 14 8.95 -14.67 22.23
N VAL C 15 8.44 -14.23 23.37
CA VAL C 15 8.45 -12.82 23.73
C VAL C 15 9.82 -12.47 24.31
N GLY C 16 10.51 -11.56 23.64
CA GLY C 16 11.78 -11.05 24.13
C GLY C 16 13.01 -11.61 23.47
N ASP C 17 12.95 -12.03 22.21
CA ASP C 17 14.10 -12.55 21.49
C ASP C 17 14.49 -11.61 20.34
N ARG C 18 15.43 -12.06 19.53
CA ARG C 18 15.90 -11.34 18.36
C ARG C 18 15.55 -12.15 17.12
N VAL C 19 14.84 -11.53 16.18
CA VAL C 19 14.35 -12.22 15.00
C VAL C 19 14.93 -11.56 13.76
N THR C 20 15.59 -12.34 12.92
CA THR C 20 16.15 -11.90 11.66
C THR C 20 15.35 -12.54 10.53
N ILE C 21 14.79 -11.70 9.65
CA ILE C 21 14.08 -12.17 8.46
C ILE C 21 14.71 -11.54 7.22
N THR C 22 14.61 -12.25 6.11
CA THR C 22 15.43 -11.99 4.92
C THR C 22 14.55 -11.89 3.70
N CYS C 23 14.88 -10.95 2.81
CA CYS C 23 14.17 -10.74 1.55
C CYS C 23 15.20 -10.58 0.45
N ARG C 24 15.13 -11.41 -0.58
CA ARG C 24 16.07 -11.36 -1.69
C ARG C 24 15.38 -11.02 -3.00
N ALA C 25 16.03 -10.18 -3.79
CA ALA C 25 15.49 -9.74 -5.07
C ALA C 25 16.03 -10.61 -6.21
N SER C 26 15.33 -10.55 -7.34
CA SER C 26 15.77 -11.29 -8.53
C SER C 26 16.96 -10.60 -9.18
N GLN C 27 16.77 -9.37 -9.64
CA GLN C 27 17.85 -8.58 -10.19
C GLN C 27 18.48 -7.75 -9.08
N ARG C 28 19.33 -6.79 -9.46
CA ARG C 28 19.96 -5.90 -8.50
C ARG C 28 19.18 -4.60 -8.40
N ILE C 29 18.83 -4.23 -7.18
CA ILE C 29 18.09 -3.01 -6.89
C ILE C 29 18.96 -2.19 -5.94
N GLY C 30 18.42 -1.09 -5.44
CA GLY C 30 19.18 -0.16 -4.61
C GLY C 30 19.60 -0.60 -3.22
N SER C 31 19.91 0.37 -2.37
CA SER C 31 20.58 0.09 -1.10
C SER C 31 19.65 -0.50 -0.06
N TRP C 32 18.38 -0.09 -0.06
CA TRP C 32 17.43 -0.47 0.99
C TRP C 32 16.13 -0.94 0.37
N VAL C 33 15.34 -1.67 1.16
CA VAL C 33 13.96 -1.98 0.84
C VAL C 33 13.07 -1.54 2.00
N ALA C 34 11.78 -1.45 1.71
CA ALA C 34 10.78 -1.05 2.69
C ALA C 34 10.19 -2.25 3.38
N TRP C 35 9.99 -2.12 4.69
CA TRP C 35 9.45 -3.20 5.51
C TRP C 35 8.13 -2.76 6.14
N TYR C 36 7.15 -3.66 6.11
CA TYR C 36 5.81 -3.37 6.58
C TYR C 36 5.34 -4.49 7.51
N GLN C 37 4.52 -4.10 8.49
CA GLN C 37 3.95 -5.03 9.45
C GLN C 37 2.43 -4.95 9.35
N GLN C 38 1.78 -6.11 9.16
CA GLN C 38 0.33 -6.20 9.03
C GLN C 38 -0.19 -7.19 10.06
N ARG C 39 -0.88 -6.66 11.07
CA ARG C 39 -1.69 -7.47 11.95
C ARG C 39 -2.94 -7.94 11.19
N PRO C 40 -3.53 -9.08 11.58
CA PRO C 40 -4.75 -9.55 10.90
C PRO C 40 -5.96 -8.69 11.22
N GLY C 41 -6.62 -8.21 10.16
CA GLY C 41 -7.73 -7.29 10.30
C GLY C 41 -7.35 -5.82 10.33
N LYS C 42 -6.06 -5.50 10.20
CA LYS C 42 -5.58 -4.13 10.25
C LYS C 42 -4.82 -3.78 8.98
N ALA C 43 -4.62 -2.49 8.79
CA ALA C 43 -3.83 -1.99 7.67
C ALA C 43 -2.34 -2.28 7.91
N PRO C 44 -1.54 -2.39 6.84
CA PRO C 44 -0.09 -2.49 7.03
C PRO C 44 0.50 -1.18 7.55
N LYS C 45 1.50 -1.32 8.42
CA LYS C 45 2.16 -0.18 9.05
C LYS C 45 3.62 -0.17 8.61
N PHE C 46 4.08 0.98 8.13
CA PHE C 46 5.44 1.12 7.63
C PHE C 46 6.43 1.15 8.78
N LEU C 47 7.46 0.30 8.69
CA LEU C 47 8.45 0.17 9.75
C LEU C 47 9.72 0.94 9.43
N ILE C 48 10.42 0.56 8.36
CA ILE C 48 11.74 1.12 8.08
C ILE C 48 11.99 1.02 6.57
N TYR C 49 12.62 2.06 6.04
CA TYR C 49 13.35 1.98 4.79
C TYR C 49 14.83 2.24 5.04
N ASN C 50 15.19 3.41 5.57
CA ASN C 50 16.55 3.79 5.87
C ASN C 50 16.68 3.98 7.38
N PRO C 51 17.69 3.37 8.02
CA PRO C 51 17.85 3.55 9.47
C PRO C 51 18.37 4.92 9.88
N SER C 52 18.94 5.68 8.95
CA SER C 52 19.39 7.04 9.26
C SER C 52 18.23 8.04 9.28
N THR C 53 17.08 7.70 8.71
CA THR C 53 15.93 8.59 8.72
C THR C 53 15.27 8.62 10.11
N LEU C 54 15.26 7.48 10.80
CA LEU C 54 14.63 7.37 12.12
C LEU C 54 15.61 7.61 13.26
N GLU C 55 16.64 8.44 13.05
CA GLU C 55 17.65 8.71 14.07
C GLU C 55 17.23 9.92 14.91
N SER C 56 16.15 9.73 15.67
CA SER C 56 15.65 10.73 16.58
C SER C 56 16.26 10.50 17.97
N GLY C 57 15.70 11.17 18.98
CA GLY C 57 16.12 10.92 20.36
C GLY C 57 15.68 9.55 20.86
N VAL C 58 14.50 9.11 20.46
CA VAL C 58 14.02 7.78 20.83
C VAL C 58 14.73 6.75 19.96
N PRO C 59 15.35 5.72 20.56
CA PRO C 59 15.98 4.67 19.75
C PRO C 59 14.95 3.77 19.09
N SER C 60 15.38 3.16 17.98
CA SER C 60 14.49 2.35 17.15
C SER C 60 14.60 0.89 17.52
N ARG C 61 13.45 0.23 17.60
CA ARG C 61 13.42 -1.21 17.89
C ARG C 61 13.82 -2.03 16.67
N PHE C 62 13.52 -1.55 15.47
CA PHE C 62 13.75 -2.28 14.23
C PHE C 62 15.06 -1.83 13.61
N SER C 63 15.82 -2.79 13.08
CA SER C 63 17.02 -2.48 12.34
C SER C 63 16.98 -3.18 10.99
N ALA C 64 17.72 -2.64 10.03
CA ALA C 64 17.69 -3.16 8.67
C ALA C 64 19.07 -3.06 8.05
N SER C 65 19.44 -4.08 7.29
CA SER C 65 20.68 -4.09 6.53
C SER C 65 20.38 -4.56 5.11
N GLY C 66 21.23 -4.16 4.17
CA GLY C 66 20.98 -4.54 2.80
C GLY C 66 22.13 -4.39 1.83
N SER C 67 22.37 -5.45 1.07
CA SER C 67 23.25 -5.42 -0.09
C SER C 67 22.40 -5.10 -1.32
N GLY C 68 22.95 -5.35 -2.52
CA GLY C 68 22.18 -5.15 -3.73
C GLY C 68 21.11 -6.19 -3.98
N THR C 69 21.25 -7.37 -3.38
CA THR C 69 20.29 -8.45 -3.55
C THR C 69 19.66 -8.90 -2.24
N GLU C 70 20.45 -9.13 -1.20
CA GLU C 70 19.96 -9.64 0.07
C GLU C 70 19.65 -8.48 1.01
N PHE C 71 18.49 -8.56 1.67
CA PHE C 71 18.04 -7.55 2.62
C PHE C 71 17.55 -8.24 3.88
N THR C 72 17.66 -7.54 5.00
CA THR C 72 17.48 -8.16 6.30
C THR C 72 16.80 -7.19 7.25
N LEU C 73 15.69 -7.61 7.85
CA LEU C 73 15.03 -6.89 8.93
C LEU C 73 15.23 -7.65 10.23
N THR C 74 15.68 -6.95 11.26
CA THR C 74 15.96 -7.56 12.55
C THR C 74 15.15 -6.83 13.63
N ILE C 75 14.37 -7.60 14.39
CA ILE C 75 13.64 -7.12 15.54
C ILE C 75 14.44 -7.51 16.78
N SER C 76 14.86 -6.51 17.56
CA SER C 76 15.72 -6.75 18.70
C SER C 76 14.97 -7.30 19.91
N SER C 77 13.72 -6.90 20.09
CA SER C 77 12.89 -7.41 21.17
C SER C 77 11.45 -7.44 20.69
N LEU C 78 10.77 -8.54 21.00
CA LEU C 78 9.40 -8.77 20.52
C LEU C 78 8.40 -8.53 21.64
N GLN C 79 7.47 -7.62 21.40
CA GLN C 79 6.25 -7.48 22.18
C GLN C 79 5.23 -8.49 21.67
N PRO C 80 4.13 -8.72 22.40
CA PRO C 80 3.00 -9.47 21.82
C PRO C 80 2.31 -8.80 20.63
N ASP C 81 2.47 -7.49 20.44
CA ASP C 81 1.96 -6.81 19.24
C ASP C 81 2.87 -6.94 18.03
N ASP C 82 4.02 -7.60 18.16
CA ASP C 82 4.97 -7.77 17.08
C ASP C 82 4.83 -9.11 16.36
N PHE C 83 3.79 -9.88 16.69
CA PHE C 83 3.54 -11.17 16.05
C PHE C 83 2.51 -10.94 14.94
N ALA C 84 3.01 -10.71 13.73
CA ALA C 84 2.18 -10.28 12.62
C ALA C 84 2.82 -10.78 11.32
N THR C 85 2.32 -10.28 10.19
CA THR C 85 2.84 -10.67 8.88
C THR C 85 3.67 -9.53 8.31
N TYR C 86 4.89 -9.84 7.88
CA TYR C 86 5.83 -8.82 7.45
C TYR C 86 6.05 -8.88 5.95
N TYR C 87 6.17 -7.71 5.33
CA TYR C 87 6.30 -7.59 3.88
C TYR C 87 7.50 -6.73 3.52
N CYS C 88 8.19 -7.10 2.45
CA CYS C 88 9.27 -6.30 1.87
C CYS C 88 8.82 -5.77 0.51
N GLN C 89 9.23 -4.55 0.18
CA GLN C 89 8.77 -3.89 -1.04
C GLN C 89 9.80 -2.88 -1.52
N GLN C 90 10.00 -2.76 -2.83
CA GLN C 90 10.80 -1.68 -3.36
C GLN C 90 9.97 -0.69 -4.18
N TYR C 91 9.42 -1.09 -5.32
CA TYR C 91 8.65 -0.14 -6.13
C TYR C 91 7.26 -0.66 -6.44
N ASP C 92 7.23 -1.83 -7.06
CA ASP C 92 5.98 -2.48 -7.45
C ASP C 92 6.00 -3.96 -7.11
N ALA C 93 7.09 -4.48 -6.58
CA ALA C 93 7.21 -5.87 -6.20
C ALA C 93 7.04 -5.97 -4.70
N PHE C 94 6.03 -6.71 -4.27
CA PHE C 94 5.85 -7.06 -2.87
C PHE C 94 6.30 -8.51 -2.67
N GLY C 95 7.05 -8.75 -1.62
CA GLY C 95 7.34 -10.11 -1.24
C GLY C 95 6.13 -10.78 -0.63
N GLN C 96 6.11 -12.12 -0.72
CA GLN C 96 5.11 -12.87 0.03
C GLN C 96 5.45 -12.83 1.51
N GLY C 97 4.41 -12.86 2.34
CA GLY C 97 4.57 -12.45 3.73
C GLY C 97 5.23 -13.50 4.61
N THR C 98 6.03 -13.02 5.55
CA THR C 98 6.60 -13.84 6.60
C THR C 98 5.78 -13.63 7.86
N LYS C 99 5.18 -14.70 8.37
CA LYS C 99 4.30 -14.64 9.52
C LYS C 99 5.04 -15.11 10.76
N LEU C 100 5.02 -14.29 11.81
CA LEU C 100 5.56 -14.71 13.10
C LEU C 100 4.46 -15.31 13.96
N GLU C 101 4.69 -16.51 14.46
CA GLU C 101 3.81 -17.17 15.40
C GLU C 101 4.49 -17.22 16.77
N ILE C 102 3.72 -17.25 17.86
CA ILE C 102 4.40 -17.42 19.16
C ILE C 102 4.79 -18.89 19.26
N LYS C 103 5.82 -19.21 20.04
CA LYS C 103 6.26 -20.61 20.20
C LYS C 103 5.90 -21.08 21.60
N ARG C 104 5.31 -22.27 21.69
CA ARG C 104 4.98 -22.89 22.99
C ARG C 104 5.19 -24.41 22.88
N THR C 105 4.74 -25.19 23.87
CA THR C 105 4.95 -26.67 23.90
C THR C 105 3.94 -27.39 22.98
N VAL C 106 4.23 -28.60 22.50
CA VAL C 106 3.31 -29.19 21.54
C VAL C 106 2.13 -29.81 22.27
N ALA C 107 0.93 -29.34 21.96
CA ALA C 107 -0.29 -29.79 22.61
C ALA C 107 -1.08 -30.67 21.67
N ALA C 108 -1.59 -31.77 22.20
CA ALA C 108 -2.40 -32.69 21.40
C ALA C 108 -3.79 -32.11 21.18
N PRO C 109 -4.37 -32.29 19.98
CA PRO C 109 -5.73 -31.79 19.75
C PRO C 109 -6.78 -32.71 20.35
N SER C 110 -7.79 -32.11 20.96
CA SER C 110 -8.94 -32.85 21.47
C SER C 110 -9.95 -32.95 20.35
N VAL C 111 -10.03 -34.12 19.72
CA VAL C 111 -10.80 -34.30 18.50
C VAL C 111 -12.25 -34.57 18.88
N PHE C 112 -13.17 -33.88 18.20
CA PHE C 112 -14.60 -34.15 18.35
C PHE C 112 -15.23 -34.29 16.98
N ILE C 113 -16.30 -35.06 16.89
CA ILE C 113 -17.07 -35.20 15.67
C ILE C 113 -18.53 -34.91 15.99
N PHE C 114 -19.22 -34.25 15.07
CA PHE C 114 -20.62 -33.92 15.28
C PHE C 114 -21.50 -34.50 14.17
N PRO C 115 -22.63 -35.11 14.51
CA PRO C 115 -23.55 -35.62 13.47
C PRO C 115 -24.33 -34.48 12.84
N PRO C 116 -24.81 -34.65 11.60
CA PRO C 116 -25.64 -33.59 11.02
C PRO C 116 -27.05 -33.60 11.59
N SER C 117 -27.58 -32.40 11.78
CA SER C 117 -28.83 -32.20 12.50
C SER C 117 -30.03 -32.57 11.62
N ASP C 118 -31.16 -32.80 12.28
CA ASP C 118 -32.38 -33.20 11.58
C ASP C 118 -33.03 -32.04 10.83
N GLU C 119 -32.75 -30.79 11.21
CA GLU C 119 -33.33 -29.66 10.50
C GLU C 119 -32.63 -29.41 9.17
N GLN C 120 -31.31 -29.66 9.11
CA GLN C 120 -30.60 -29.60 7.84
C GLN C 120 -31.00 -30.77 6.94
N LEU C 121 -31.30 -31.93 7.54
CA LEU C 121 -31.80 -33.06 6.78
C LEU C 121 -33.22 -32.82 6.29
N LYS C 122 -34.01 -32.02 7.03
CA LYS C 122 -35.28 -31.56 6.51
C LYS C 122 -35.11 -30.53 5.40
N SER C 123 -34.04 -29.75 5.46
CA SER C 123 -33.77 -28.78 4.39
C SER C 123 -33.29 -29.45 3.11
N GLY C 124 -32.43 -30.47 3.23
CA GLY C 124 -32.04 -31.23 2.06
C GLY C 124 -30.58 -31.62 1.96
N THR C 125 -29.72 -30.99 2.76
CA THR C 125 -28.28 -31.26 2.74
C THR C 125 -27.86 -31.89 4.07
N ALA C 126 -26.55 -32.10 4.20
CA ALA C 126 -25.99 -32.66 5.43
C ALA C 126 -24.57 -32.15 5.59
N SER C 127 -24.24 -31.73 6.80
CA SER C 127 -22.92 -31.19 7.13
C SER C 127 -22.38 -31.95 8.34
N VAL C 128 -21.29 -32.69 8.14
CA VAL C 128 -20.62 -33.38 9.23
C VAL C 128 -19.34 -32.61 9.53
N VAL C 129 -19.21 -32.13 10.78
CA VAL C 129 -18.06 -31.33 11.13
C VAL C 129 -17.19 -32.08 12.14
N CYS C 130 -15.89 -31.81 12.04
CA CYS C 130 -14.88 -32.41 12.90
C CYS C 130 -14.08 -31.27 13.51
N LEU C 131 -14.01 -31.26 14.83
CA LEU C 131 -13.44 -30.18 15.61
C LEU C 131 -12.08 -30.61 16.14
N LEU C 132 -11.10 -29.72 16.02
CA LEU C 132 -9.79 -29.90 16.59
C LEU C 132 -9.51 -28.70 17.48
N ASN C 133 -9.22 -28.95 18.75
CA ASN C 133 -9.10 -27.88 19.72
C ASN C 133 -7.74 -27.95 20.38
N ASN C 134 -7.06 -26.80 20.45
CA ASN C 134 -5.84 -26.54 21.25
C ASN C 134 -4.67 -27.44 20.82
N PHE C 135 -4.24 -27.25 19.57
CA PHE C 135 -3.04 -27.90 19.05
C PHE C 135 -2.06 -26.82 18.60
N TYR C 136 -0.79 -26.96 18.98
CA TYR C 136 0.14 -25.87 18.72
C TYR C 136 0.74 -25.83 17.31
N PRO C 137 1.28 -26.90 16.68
CA PRO C 137 1.72 -26.74 15.29
C PRO C 137 0.52 -26.81 14.35
N ARG C 138 0.44 -25.83 13.44
CA ARG C 138 -0.75 -25.65 12.61
C ARG C 138 -0.89 -26.71 11.52
N GLU C 139 0.16 -27.45 11.21
CA GLU C 139 0.08 -28.53 10.24
C GLU C 139 -0.69 -29.70 10.85
N ALA C 140 -1.94 -29.87 10.45
CA ALA C 140 -2.78 -30.95 10.91
C ALA C 140 -3.68 -31.38 9.76
N LYS C 141 -3.68 -32.68 9.45
CA LYS C 141 -4.38 -33.19 8.27
C LYS C 141 -5.64 -33.93 8.70
N VAL C 142 -6.75 -33.60 8.06
CA VAL C 142 -8.04 -34.22 8.34
C VAL C 142 -8.49 -34.95 7.08
N GLN C 143 -8.75 -36.25 7.21
CA GLN C 143 -9.25 -37.07 6.13
C GLN C 143 -10.65 -37.56 6.47
N TRP C 144 -11.59 -37.38 5.56
CA TRP C 144 -12.96 -37.83 5.73
C TRP C 144 -13.12 -39.19 5.06
N LYS C 145 -13.39 -40.21 5.86
CA LYS C 145 -13.66 -41.56 5.35
C LYS C 145 -15.14 -41.86 5.53
N VAL C 146 -15.84 -42.09 4.42
CA VAL C 146 -17.25 -42.42 4.42
C VAL C 146 -17.37 -43.88 4.00
N ASP C 147 -17.86 -44.72 4.93
CA ASP C 147 -17.94 -46.19 4.86
C ASP C 147 -16.56 -46.80 4.55
N ASN C 148 -15.54 -46.29 5.26
CA ASN C 148 -14.11 -46.62 5.11
C ASN C 148 -13.62 -46.40 3.67
N ALA C 149 -14.10 -45.33 3.04
CA ALA C 149 -13.64 -44.91 1.72
C ALA C 149 -13.36 -43.43 1.75
N LEU C 150 -12.17 -43.04 1.30
CA LEU C 150 -11.71 -41.66 1.42
C LEU C 150 -12.40 -40.76 0.40
N GLN C 151 -12.97 -39.66 0.88
CA GLN C 151 -13.64 -38.68 0.05
C GLN C 151 -12.82 -37.41 -0.05
N SER C 152 -12.91 -36.74 -1.19
CA SER C 152 -12.18 -35.50 -1.41
C SER C 152 -13.00 -34.61 -2.35
N GLY C 153 -12.69 -33.32 -2.30
CA GLY C 153 -13.38 -32.34 -3.11
C GLY C 153 -14.65 -31.78 -2.51
N ASN C 154 -15.05 -32.25 -1.32
CA ASN C 154 -16.26 -31.77 -0.66
C ASN C 154 -16.01 -31.49 0.81
N SER C 155 -14.78 -31.16 1.18
CA SER C 155 -14.41 -30.85 2.55
C SER C 155 -13.77 -29.47 2.58
N GLN C 156 -14.23 -28.63 3.51
CA GLN C 156 -13.69 -27.29 3.68
C GLN C 156 -13.22 -27.08 5.12
N GLU C 157 -12.05 -26.48 5.28
CA GLU C 157 -11.40 -26.34 6.57
C GLU C 157 -11.35 -24.89 7.00
N SER C 158 -11.57 -24.66 8.29
CA SER C 158 -11.50 -23.32 8.88
C SER C 158 -10.55 -23.37 10.07
N VAL C 159 -9.52 -22.53 10.05
CA VAL C 159 -8.52 -22.46 11.10
C VAL C 159 -8.60 -21.09 11.76
N THR C 160 -8.72 -21.07 13.08
CA THR C 160 -8.69 -19.82 13.82
C THR C 160 -7.27 -19.26 13.88
N GLU C 161 -7.19 -18.00 14.30
CA GLU C 161 -5.91 -17.39 14.62
C GLU C 161 -5.39 -17.93 15.95
N GLN C 162 -4.10 -17.71 16.19
CA GLN C 162 -3.46 -18.21 17.40
C GLN C 162 -3.86 -17.34 18.59
N ASP C 163 -4.20 -17.99 19.69
CA ASP C 163 -4.95 -17.36 20.78
C ASP C 163 -4.05 -16.43 21.60
N SER C 164 -4.68 -15.42 22.19
CA SER C 164 -3.95 -14.45 23.00
C SER C 164 -3.65 -14.95 24.41
N LYS C 165 -4.32 -16.02 24.86
CA LYS C 165 -4.13 -16.52 26.21
C LYS C 165 -3.20 -17.74 26.25
N ASP C 166 -3.56 -18.81 25.54
CA ASP C 166 -2.80 -20.05 25.62
C ASP C 166 -2.04 -20.38 24.36
N SER C 167 -2.17 -19.57 23.30
CA SER C 167 -1.34 -19.56 22.08
C SER C 167 -1.41 -20.87 21.30
N THR C 168 -2.63 -21.32 21.03
CA THR C 168 -2.88 -22.58 20.33
C THR C 168 -3.85 -22.34 19.18
N TYR C 169 -4.16 -23.40 18.44
CA TYR C 169 -4.98 -23.33 17.24
C TYR C 169 -6.20 -24.24 17.36
N SER C 170 -7.19 -23.95 16.53
CA SER C 170 -8.38 -24.77 16.42
C SER C 170 -8.77 -24.88 14.95
N LEU C 171 -9.23 -26.06 14.55
CA LEU C 171 -9.58 -26.33 13.17
C LEU C 171 -10.97 -26.96 13.12
N SER C 172 -11.71 -26.65 12.07
CA SER C 172 -13.05 -27.20 11.87
C SER C 172 -13.14 -27.66 10.43
N SER C 173 -13.32 -28.96 10.23
CA SER C 173 -13.45 -29.53 8.89
C SER C 173 -14.91 -29.89 8.64
N THR C 174 -15.46 -29.38 7.55
CA THR C 174 -16.86 -29.57 7.20
C THR C 174 -16.94 -30.44 5.96
N LEU C 175 -17.65 -31.56 6.07
CA LEU C 175 -17.93 -32.45 4.96
C LEU C 175 -19.38 -32.25 4.55
N THR C 176 -19.61 -31.91 3.29
CA THR C 176 -20.94 -31.57 2.80
C THR C 176 -21.44 -32.68 1.88
N LEU C 177 -22.58 -33.27 2.26
CA LEU C 177 -23.24 -34.29 1.45
C LEU C 177 -24.69 -33.86 1.25
N SER C 178 -25.39 -34.61 0.41
CA SER C 178 -26.83 -34.43 0.28
C SER C 178 -27.56 -35.24 1.34
N LYS C 179 -28.89 -35.23 1.29
CA LYS C 179 -29.69 -36.08 2.15
C LYS C 179 -29.56 -37.54 1.75
N ALA C 180 -29.65 -37.83 0.44
CA ALA C 180 -29.56 -39.19 -0.06
C ALA C 180 -28.16 -39.76 0.05
N ASP C 181 -27.13 -38.92 -0.11
CA ASP C 181 -25.76 -39.34 0.14
C ASP C 181 -25.48 -39.57 1.62
N TYR C 182 -26.23 -38.90 2.51
CA TYR C 182 -26.11 -39.19 3.93
C TYR C 182 -26.78 -40.51 4.27
N GLU C 183 -27.96 -40.78 3.69
CA GLU C 183 -28.68 -42.00 4.00
C GLU C 183 -28.18 -43.22 3.22
N LYS C 184 -27.28 -43.04 2.24
CA LYS C 184 -26.75 -44.19 1.51
C LYS C 184 -25.77 -45.00 2.35
N HIS C 185 -24.85 -44.32 3.04
CA HIS C 185 -23.76 -44.98 3.74
C HIS C 185 -23.99 -44.96 5.25
N LYS C 186 -23.13 -45.67 5.97
CA LYS C 186 -23.27 -45.84 7.40
C LYS C 186 -22.12 -45.26 8.20
N VAL C 187 -20.88 -45.63 7.89
CA VAL C 187 -19.73 -45.26 8.71
C VAL C 187 -19.17 -43.94 8.23
N TYR C 188 -18.96 -43.02 9.16
CA TYR C 188 -18.32 -41.73 8.90
C TYR C 188 -17.20 -41.54 9.94
N ALA C 189 -16.00 -41.20 9.48
CA ALA C 189 -14.86 -41.10 10.36
C ALA C 189 -14.05 -39.86 10.06
N CYS C 190 -13.25 -39.45 11.05
CA CYS C 190 -12.39 -38.26 10.96
C CYS C 190 -10.97 -38.69 11.31
N GLU C 191 -10.12 -38.86 10.30
CA GLU C 191 -8.74 -39.28 10.51
C GLU C 191 -7.86 -38.05 10.64
N VAL C 192 -7.26 -37.87 11.81
CA VAL C 192 -6.48 -36.67 12.14
C VAL C 192 -5.02 -37.05 12.26
N THR C 193 -4.17 -36.45 11.44
CA THR C 193 -2.73 -36.56 11.53
C THR C 193 -2.18 -35.28 12.15
N HIS C 194 -1.54 -35.43 13.32
CA HIS C 194 -0.89 -34.34 14.01
C HIS C 194 0.49 -34.81 14.49
N GLN C 195 1.39 -33.85 14.69
CA GLN C 195 2.71 -34.14 15.22
C GLN C 195 2.67 -34.56 16.68
N GLY C 196 1.73 -34.01 17.46
CA GLY C 196 1.59 -34.34 18.86
C GLY C 196 0.96 -35.68 19.15
N LEU C 197 0.38 -36.33 18.14
CA LEU C 197 -0.20 -37.66 18.29
C LEU C 197 0.64 -38.66 17.52
N SER C 198 1.06 -39.74 18.19
CA SER C 198 1.82 -40.79 17.52
C SER C 198 0.94 -41.60 16.59
N SER C 199 -0.22 -41.97 17.05
CA SER C 199 -1.22 -42.66 16.24
C SER C 199 -2.29 -41.68 15.79
N PRO C 200 -2.89 -41.89 14.60
CA PRO C 200 -4.02 -41.04 14.19
C PRO C 200 -5.28 -41.27 15.01
N VAL C 201 -5.65 -40.26 15.80
CA VAL C 201 -6.82 -40.35 16.66
C VAL C 201 -8.06 -40.15 15.81
N THR C 202 -8.99 -41.11 15.86
CA THR C 202 -10.21 -41.06 15.08
C THR C 202 -11.41 -41.13 16.02
N LYS C 203 -12.23 -40.08 16.01
CA LYS C 203 -13.55 -40.11 16.63
C LYS C 203 -14.59 -40.25 15.53
N SER C 204 -15.43 -41.27 15.64
CA SER C 204 -16.32 -41.64 14.55
C SER C 204 -17.72 -41.90 15.08
N PHE C 205 -18.69 -41.78 14.17
CA PHE C 205 -20.09 -42.08 14.47
C PHE C 205 -20.69 -42.81 13.28
N ASN C 206 -21.75 -43.58 13.55
CA ASN C 206 -22.50 -44.26 12.51
C ASN C 206 -23.87 -43.61 12.37
N ARG C 207 -24.51 -43.85 11.22
CA ARG C 207 -25.77 -43.20 10.90
C ARG C 207 -26.91 -43.83 11.70
N GLY C 208 -27.64 -42.99 12.44
CA GLY C 208 -28.69 -43.46 13.32
C GLY C 208 -28.23 -43.47 14.77
N GLU C 209 -28.12 -44.66 15.34
CA GLU C 209 -27.64 -44.96 16.71
C GLU C 209 -28.40 -44.23 17.82
#